data_5ZBM
#
_entry.id   5ZBM
#
_cell.length_a   144.230
_cell.length_b   144.230
_cell.length_c   129.823
_cell.angle_alpha   90.00
_cell.angle_beta   90.00
_cell.angle_gamma   90.00
#
_symmetry.space_group_name_H-M   'I 4'
#
loop_
_entity.id
_entity.type
_entity.pdbx_description
1 polymer 'Glycolate oxidase'
2 non-polymer 'FLAVIN MONONUCLEOTIDE'
3 water water
#
_entity_poly.entity_id   1
_entity_poly.type   'polypeptide(L)'
_entity_poly.pdbx_seq_one_letter_code
;MEEVTNVMEYEAIAKKKLPKMVFDYYASGAEDQWTLAENRNAFSRILFRPRILIDVSKIDMSTTVLGFKISMPIMIAPTA
MQKMAHPEGEYATARAASAAGTIMTLSSWATSSVEEVASTGPGIRFFQLYVYKDRNVVAQLVRRAERAGFKAIALTVDTP
RLGRREADIKNRFVLPPFLTLKNFEGLDLGKMDQASDSGLASYVAGQIDRTLSWKDVQWLQTITSLPILVKGVLTAEDAR
LAVQAGAAGIIVSNHGARQLDYVPSTIMALEEVVKAAQGRIPVFLDGGVRRGTDVFKALALGASGIFIGRPVVFSLAAEG
EAGIKKVLQMLRDEFELTMALSGCRSLNEITRNHIVTEWDAPRAALPAPRL
;
_entity_poly.pdbx_strand_id   A,B
#
loop_
_chem_comp.id
_chem_comp.type
_chem_comp.name
_chem_comp.formula
FMN non-polymer 'FLAVIN MONONUCLEOTIDE' 'C17 H21 N4 O9 P'
#
# COMPACT_ATOMS: atom_id res chain seq x y z
N GLU A 3 22.64 -37.47 -14.34
CA GLU A 3 23.23 -36.22 -13.74
C GLU A 3 22.93 -34.99 -14.62
N VAL A 4 22.12 -34.08 -14.09
CA VAL A 4 21.79 -32.83 -14.78
C VAL A 4 22.90 -31.82 -14.54
N THR A 5 23.46 -31.26 -15.61
CA THR A 5 24.59 -30.32 -15.52
C THR A 5 24.32 -28.90 -16.04
N ASN A 6 23.31 -28.74 -16.88
CA ASN A 6 22.88 -27.40 -17.31
C ASN A 6 21.37 -27.26 -17.16
N VAL A 7 20.92 -26.02 -17.24
CA VAL A 7 19.52 -25.69 -17.03
C VAL A 7 18.63 -26.25 -18.13
N MET A 8 19.08 -26.14 -19.39
CA MET A 8 18.31 -26.66 -20.53
C MET A 8 17.87 -28.12 -20.39
N GLU A 9 18.70 -28.95 -19.75
CA GLU A 9 18.40 -30.38 -19.57
C GLU A 9 17.08 -30.65 -18.82
N TYR A 10 16.65 -29.70 -17.99
CA TYR A 10 15.34 -29.81 -17.34
C TYR A 10 14.13 -29.75 -18.30
N GLU A 11 14.28 -29.06 -19.44
CA GLU A 11 13.22 -29.07 -20.46
C GLU A 11 13.04 -30.48 -21.00
N ALA A 12 14.16 -31.13 -21.35
CA ALA A 12 14.15 -32.50 -21.85
C ALA A 12 13.48 -33.47 -20.88
N ILE A 13 13.82 -33.32 -19.60
CA ILE A 13 13.30 -34.18 -18.54
C ILE A 13 11.80 -33.92 -18.36
N ALA A 14 11.43 -32.64 -18.30
CA ALA A 14 10.01 -32.25 -18.20
C ALA A 14 9.17 -32.72 -19.39
N LYS A 15 9.75 -32.71 -20.59
CA LYS A 15 9.09 -33.26 -21.78
C LYS A 15 8.80 -34.75 -21.63
N LYS A 16 9.74 -35.50 -21.07
CA LYS A 16 9.55 -36.92 -20.82
C LYS A 16 8.47 -37.11 -19.76
N LYS A 17 8.61 -36.39 -18.65
CA LYS A 17 7.86 -36.66 -17.43
C LYS A 17 6.40 -36.16 -17.48
N LEU A 18 6.21 -34.95 -18.02
CA LEU A 18 4.87 -34.31 -18.03
C LEU A 18 3.94 -34.93 -19.06
N PRO A 19 2.62 -34.71 -18.91
CA PRO A 19 1.72 -35.02 -20.00
C PRO A 19 1.90 -34.00 -21.12
N LYS A 20 1.76 -34.44 -22.37
CA LYS A 20 1.98 -33.59 -23.54
C LYS A 20 1.36 -32.19 -23.43
N MET A 21 0.11 -32.11 -22.99
CA MET A 21 -0.60 -30.84 -22.99
C MET A 21 -0.06 -29.86 -21.95
N VAL A 22 0.51 -30.39 -20.88
CA VAL A 22 1.14 -29.56 -19.86
C VAL A 22 2.53 -29.13 -20.30
N PHE A 23 3.34 -30.07 -20.76
CA PHE A 23 4.65 -29.68 -21.26
C PHE A 23 4.48 -28.61 -22.32
N ASP A 24 3.68 -28.93 -23.34
CA ASP A 24 3.38 -27.98 -24.40
C ASP A 24 2.88 -26.66 -23.84
N TYR A 25 1.87 -26.67 -22.97
CA TYR A 25 1.35 -25.42 -22.42
C TYR A 25 2.47 -24.48 -21.98
N TYR A 26 3.42 -25.03 -21.24
CA TYR A 26 4.59 -24.28 -20.77
C TYR A 26 5.59 -23.98 -21.86
N ALA A 27 5.98 -25.03 -22.58
CA ALA A 27 7.03 -24.94 -23.60
C ALA A 27 6.61 -24.13 -24.83
N SER A 28 5.29 -24.06 -25.07
CA SER A 28 4.72 -23.38 -26.23
C SER A 28 5.28 -21.98 -26.43
N GLY A 29 5.56 -21.65 -27.69
CA GLY A 29 5.67 -20.27 -28.15
C GLY A 29 4.53 -20.02 -29.14
N ALA A 30 4.38 -18.76 -29.54
CA ALA A 30 3.35 -18.38 -30.49
C ALA A 30 3.65 -18.89 -31.91
N GLU A 31 2.69 -19.60 -32.49
CA GLU A 31 2.67 -19.94 -33.92
C GLU A 31 3.88 -20.81 -34.29
N ASP A 32 4.52 -20.59 -35.45
CA ASP A 32 5.82 -21.22 -35.75
C ASP A 32 6.75 -20.56 -34.78
N GLN A 33 7.35 -21.30 -33.87
CA GLN A 33 7.92 -20.68 -32.68
C GLN A 33 9.28 -20.06 -32.99
N TRP A 34 9.27 -19.04 -33.84
CA TRP A 34 10.50 -18.44 -34.33
C TRP A 34 11.22 -17.70 -33.20
N THR A 35 10.50 -16.79 -32.54
CA THR A 35 11.07 -15.96 -31.48
C THR A 35 11.53 -16.82 -30.28
N LEU A 36 10.83 -17.91 -30.01
CA LEU A 36 11.18 -18.84 -28.93
C LEU A 36 12.59 -19.37 -29.14
N ALA A 37 12.87 -19.78 -30.37
CA ALA A 37 14.21 -20.20 -30.77
C ALA A 37 15.19 -19.04 -30.71
N GLU A 38 14.77 -17.91 -31.26
CA GLU A 38 15.58 -16.70 -31.32
C GLU A 38 15.99 -16.20 -29.92
N ASN A 39 15.09 -16.33 -28.94
CA ASN A 39 15.38 -16.01 -27.54
C ASN A 39 16.62 -16.74 -27.02
N ARG A 40 16.84 -17.97 -27.48
CA ARG A 40 18.07 -18.71 -27.17
C ARG A 40 19.15 -18.38 -28.17
N ASN A 41 18.86 -18.56 -29.46
CA ASN A 41 19.89 -18.45 -30.51
C ASN A 41 20.66 -17.13 -30.46
N ALA A 42 19.95 -16.03 -30.20
CA ALA A 42 20.56 -14.70 -30.20
C ALA A 42 21.68 -14.55 -29.19
N PHE A 43 21.59 -15.26 -28.05
CA PHE A 43 22.69 -15.27 -27.08
C PHE A 43 23.98 -15.81 -27.70
N SER A 44 23.84 -16.82 -28.57
CA SER A 44 24.99 -17.41 -29.28
C SER A 44 25.60 -16.53 -30.37
N ARG A 45 24.93 -15.45 -30.75
CA ARG A 45 25.51 -14.41 -31.60
C ARG A 45 26.06 -13.22 -30.83
N ILE A 46 26.32 -13.41 -29.54
CA ILE A 46 27.06 -12.44 -28.75
C ILE A 46 28.25 -13.17 -28.14
N LEU A 47 29.46 -12.67 -28.42
CA LEU A 47 30.67 -13.25 -27.88
C LEU A 47 31.20 -12.45 -26.70
N PHE A 48 32.10 -13.07 -25.95
CA PHE A 48 32.76 -12.42 -24.84
C PHE A 48 34.06 -11.76 -25.28
N ARG A 49 34.42 -10.72 -24.56
CA ARG A 49 35.70 -10.05 -24.71
C ARG A 49 36.30 -10.02 -23.31
N PRO A 50 36.74 -11.20 -22.85
CA PRO A 50 37.15 -11.33 -21.46
C PRO A 50 38.43 -10.57 -21.16
N ARG A 51 38.50 -10.04 -19.95
CA ARG A 51 39.74 -9.53 -19.40
C ARG A 51 40.29 -10.56 -18.41
N ILE A 52 41.58 -10.82 -18.55
CA ILE A 52 42.26 -11.91 -17.83
C ILE A 52 43.17 -11.38 -16.75
N LEU A 53 43.65 -12.27 -15.90
CA LEU A 53 44.61 -11.94 -14.85
C LEU A 53 44.13 -10.76 -14.03
N ILE A 54 42.88 -10.86 -13.60
CA ILE A 54 42.28 -9.97 -12.63
C ILE A 54 41.93 -10.87 -11.45
N ASP A 55 42.27 -10.42 -10.25
CA ASP A 55 41.90 -11.15 -9.02
C ASP A 55 40.39 -11.32 -8.96
N VAL A 56 39.91 -12.52 -9.26
CA VAL A 56 38.47 -12.84 -9.22
C VAL A 56 38.11 -13.84 -8.12
N SER A 57 38.88 -13.81 -7.02
CA SER A 57 38.64 -14.68 -5.86
C SER A 57 37.42 -14.26 -5.04
N LYS A 58 37.10 -12.96 -5.06
CA LYS A 58 35.90 -12.42 -4.40
C LYS A 58 34.96 -11.85 -5.47
N ILE A 59 34.00 -12.67 -5.91
CA ILE A 59 32.98 -12.23 -6.86
C ILE A 59 31.76 -11.79 -6.06
N ASP A 60 31.32 -10.56 -6.29
CA ASP A 60 30.07 -10.04 -5.75
C ASP A 60 29.06 -9.88 -6.88
N MET A 61 28.08 -10.77 -6.93
CA MET A 61 26.97 -10.64 -7.89
C MET A 61 25.71 -10.10 -7.21
N SER A 62 25.80 -9.78 -5.93
CA SER A 62 24.66 -9.20 -5.22
C SER A 62 24.27 -7.87 -5.86
N THR A 63 22.96 -7.63 -5.89
CA THR A 63 22.42 -6.41 -6.48
C THR A 63 21.19 -5.99 -5.71
N THR A 64 20.70 -4.78 -6.02
CA THR A 64 19.50 -4.23 -5.41
C THR A 64 18.46 -4.03 -6.50
N VAL A 65 17.26 -4.54 -6.28
CA VAL A 65 16.16 -4.47 -7.24
C VAL A 65 14.98 -3.77 -6.57
N LEU A 66 14.67 -2.56 -7.02
CA LEU A 66 13.59 -1.74 -6.46
C LEU A 66 13.72 -1.58 -4.96
N GLY A 67 14.95 -1.33 -4.49
CA GLY A 67 15.24 -1.16 -3.07
C GLY A 67 15.69 -2.40 -2.33
N PHE A 68 15.34 -3.58 -2.82
CA PHE A 68 15.59 -4.85 -2.11
C PHE A 68 16.89 -5.49 -2.53
N LYS A 69 17.73 -5.79 -1.54
CA LYS A 69 19.00 -6.46 -1.77
C LYS A 69 18.71 -7.92 -2.10
N ILE A 70 19.33 -8.41 -3.17
CA ILE A 70 19.25 -9.83 -3.54
C ILE A 70 20.63 -10.36 -3.87
N SER A 71 20.78 -11.67 -3.75
CA SER A 71 22.06 -12.34 -3.83
C SER A 71 22.64 -12.43 -5.25
N MET A 72 21.81 -12.17 -6.27
CA MET A 72 22.23 -12.31 -7.67
C MET A 72 21.23 -11.61 -8.60
N PRO A 73 21.66 -11.23 -9.82
CA PRO A 73 20.76 -10.58 -10.77
C PRO A 73 20.00 -11.61 -11.62
N ILE A 74 19.50 -12.66 -10.97
CA ILE A 74 18.86 -13.79 -11.63
C ILE A 74 17.62 -14.07 -10.81
N MET A 75 16.46 -13.84 -11.42
CA MET A 75 15.19 -13.82 -10.71
C MET A 75 14.23 -14.77 -11.40
N ILE A 76 13.07 -15.01 -10.79
CA ILE A 76 12.10 -15.94 -11.35
C ILE A 76 10.94 -15.17 -11.98
N ALA A 77 10.72 -15.41 -13.25
CA ALA A 77 9.62 -14.79 -13.99
C ALA A 77 8.33 -15.54 -13.69
N PRO A 78 7.19 -14.85 -13.83
CA PRO A 78 5.91 -15.49 -13.55
C PRO A 78 5.49 -16.44 -14.68
N THR A 79 4.91 -17.58 -14.29
CA THR A 79 4.35 -18.55 -15.22
C THR A 79 3.04 -19.05 -14.65
N ALA A 80 2.15 -19.51 -15.49
CA ALA A 80 0.83 -19.94 -15.02
C ALA A 80 0.87 -21.30 -14.34
N MET A 81 -0.12 -21.53 -13.50
CA MET A 81 -0.56 -22.84 -13.03
C MET A 81 0.53 -23.89 -12.78
N GLN A 82 1.47 -23.57 -11.89
CA GLN A 82 2.63 -24.44 -11.66
C GLN A 82 2.31 -25.78 -11.01
N LYS A 83 1.10 -25.94 -10.46
CA LYS A 83 0.68 -27.23 -9.92
C LYS A 83 0.36 -28.31 -11.00
N MET A 84 0.36 -27.94 -12.28
CA MET A 84 0.32 -28.93 -13.37
C MET A 84 1.67 -29.61 -13.50
N ALA A 85 2.74 -28.85 -13.25
CA ALA A 85 4.10 -29.35 -13.32
C ALA A 85 4.45 -30.29 -12.14
N HIS A 86 3.94 -30.00 -10.95
CA HIS A 86 4.36 -30.65 -9.71
C HIS A 86 3.38 -30.30 -8.59
N PRO A 87 3.04 -31.26 -7.70
CA PRO A 87 2.03 -31.00 -6.66
C PRO A 87 2.24 -29.72 -5.86
N GLU A 88 3.47 -29.49 -5.40
CA GLU A 88 3.82 -28.24 -4.69
C GLU A 88 3.64 -26.98 -5.51
N GLY A 89 4.03 -27.03 -6.78
CA GLY A 89 3.81 -25.90 -7.67
C GLY A 89 4.58 -24.68 -7.21
N GLU A 90 3.85 -23.58 -6.98
CA GLU A 90 4.47 -22.29 -6.67
C GLU A 90 5.05 -22.21 -5.25
N TYR A 91 4.61 -23.10 -4.36
CA TYR A 91 5.19 -23.21 -3.01
C TYR A 91 6.69 -23.51 -3.13
N ALA A 92 7.00 -24.55 -3.91
CA ALA A 92 8.38 -24.94 -4.20
C ALA A 92 9.19 -23.81 -4.84
N THR A 93 8.58 -23.08 -5.78
CA THR A 93 9.23 -21.93 -6.39
C THR A 93 9.58 -20.87 -5.34
N ALA A 94 8.64 -20.61 -4.43
CA ALA A 94 8.83 -19.60 -3.38
C ALA A 94 9.96 -20.00 -2.44
N ARG A 95 9.89 -21.23 -1.92
CA ARG A 95 10.93 -21.77 -1.04
C ARG A 95 12.31 -21.74 -1.69
N ALA A 96 12.36 -22.13 -2.96
CA ALA A 96 13.61 -22.12 -3.73
C ALA A 96 14.14 -20.70 -3.93
N ALA A 97 13.24 -19.78 -4.26
CA ALA A 97 13.59 -18.38 -4.52
C ALA A 97 14.00 -17.65 -3.24
N SER A 98 13.33 -17.97 -2.14
CA SER A 98 13.72 -17.47 -0.82
C SER A 98 15.10 -17.99 -0.42
N ALA A 99 15.33 -19.28 -0.63
CA ALA A 99 16.59 -19.92 -0.24
C ALA A 99 17.76 -19.43 -1.08
N ALA A 100 17.50 -19.17 -2.36
CA ALA A 100 18.49 -18.58 -3.26
C ALA A 100 18.73 -17.08 -3.02
N GLY A 101 17.92 -16.45 -2.18
CA GLY A 101 18.06 -15.03 -1.88
C GLY A 101 17.78 -14.15 -3.09
N THR A 102 16.79 -14.54 -3.89
CA THR A 102 16.39 -13.79 -5.07
C THR A 102 14.88 -13.60 -5.11
N ILE A 103 14.43 -12.79 -6.08
CA ILE A 103 13.03 -12.42 -6.23
C ILE A 103 12.30 -13.46 -7.08
N MET A 104 11.06 -13.71 -6.71
CA MET A 104 10.15 -14.55 -7.47
C MET A 104 8.95 -13.71 -7.88
N THR A 105 8.64 -13.68 -9.17
CA THR A 105 7.41 -13.09 -9.64
C THR A 105 6.34 -14.19 -9.75
N LEU A 106 5.17 -13.94 -9.15
CA LEU A 106 4.06 -14.88 -9.18
C LEU A 106 3.02 -14.42 -10.19
N SER A 107 2.60 -15.33 -11.05
CA SER A 107 1.52 -15.08 -11.99
C SER A 107 0.18 -14.92 -11.28
N SER A 108 -0.62 -13.94 -11.71
CA SER A 108 -2.05 -13.91 -11.36
C SER A 108 -2.75 -15.21 -11.75
N TRP A 109 -2.22 -15.89 -12.79
CA TRP A 109 -2.70 -17.21 -13.21
C TRP A 109 -2.00 -18.37 -12.48
N ALA A 110 -1.38 -18.11 -11.33
CA ALA A 110 -0.75 -19.17 -10.55
C ALA A 110 -1.81 -20.06 -9.92
N THR A 111 -1.44 -21.33 -9.73
CA THR A 111 -2.27 -22.28 -8.96
C THR A 111 -2.16 -22.10 -7.44
N SER A 112 -1.32 -21.17 -6.99
CA SER A 112 -1.23 -20.83 -5.58
C SER A 112 -1.41 -19.34 -5.43
N SER A 113 -2.16 -18.95 -4.40
CA SER A 113 -2.43 -17.54 -4.14
C SER A 113 -1.18 -16.87 -3.60
N VAL A 114 -1.14 -15.55 -3.73
CA VAL A 114 -0.12 -14.73 -3.11
C VAL A 114 0.14 -15.11 -1.64
N GLU A 115 -0.92 -15.26 -0.84
CA GLU A 115 -0.77 -15.58 0.58
C GLU A 115 -0.25 -17.00 0.82
N GLU A 116 -0.68 -17.95 -0.02
CA GLU A 116 -0.15 -19.32 0.02
C GLU A 116 1.36 -19.32 -0.17
N VAL A 117 1.79 -18.66 -1.24
CA VAL A 117 3.21 -18.46 -1.52
C VAL A 117 3.93 -17.77 -0.35
N ALA A 118 3.33 -16.71 0.17
CA ALA A 118 3.90 -15.97 1.31
C ALA A 118 4.04 -16.82 2.59
N SER A 119 3.17 -17.82 2.75
CA SER A 119 3.18 -18.71 3.91
C SER A 119 4.33 -19.72 3.92
N THR A 120 5.04 -19.88 2.80
CA THR A 120 6.23 -20.76 2.76
C THR A 120 7.40 -20.22 3.59
N GLY A 121 7.38 -18.92 3.86
CA GLY A 121 8.40 -18.24 4.67
C GLY A 121 8.71 -16.87 4.07
N PRO A 122 9.62 -16.11 4.71
CA PRO A 122 9.98 -14.80 4.18
C PRO A 122 10.69 -14.88 2.82
N GLY A 123 10.49 -13.84 2.02
CA GLY A 123 11.13 -13.72 0.71
C GLY A 123 10.62 -12.52 -0.05
N ILE A 124 11.47 -11.94 -0.91
CA ILE A 124 11.08 -10.80 -1.76
C ILE A 124 10.34 -11.35 -2.98
N ARG A 125 9.12 -10.86 -3.23
CA ARG A 125 8.27 -11.39 -4.30
C ARG A 125 7.50 -10.28 -5.01
N PHE A 126 7.39 -10.40 -6.33
CA PHE A 126 6.61 -9.49 -7.13
C PHE A 126 5.36 -10.23 -7.58
N PHE A 127 4.32 -9.48 -7.94
CA PHE A 127 3.08 -10.07 -8.41
C PHE A 127 2.77 -9.64 -9.84
N GLN A 128 2.70 -10.62 -10.74
CA GLN A 128 2.38 -10.37 -12.14
C GLN A 128 0.89 -10.16 -12.29
N LEU A 129 0.54 -9.10 -13.02
CA LEU A 129 -0.86 -8.71 -13.24
C LEU A 129 -1.15 -8.40 -14.70
N TYR A 130 -2.43 -8.47 -15.01
CA TYR A 130 -3.02 -7.81 -16.14
C TYR A 130 -3.92 -6.75 -15.54
N VAL A 131 -4.03 -5.60 -16.20
CA VAL A 131 -5.14 -4.71 -15.94
C VAL A 131 -6.32 -5.35 -16.67
N TYR A 132 -6.99 -6.28 -15.98
CA TYR A 132 -8.17 -6.95 -16.50
C TYR A 132 -9.31 -5.95 -16.67
N LYS A 133 -10.32 -6.33 -17.46
CA LYS A 133 -11.50 -5.49 -17.71
C LYS A 133 -12.21 -5.02 -16.43
N ASP A 134 -12.27 -5.90 -15.43
CA ASP A 134 -12.95 -5.67 -14.16
C ASP A 134 -11.87 -5.06 -13.29
N ARG A 135 -11.86 -3.74 -13.25
CA ARG A 135 -10.83 -2.97 -12.55
C ARG A 135 -10.91 -3.19 -11.03
N ASN A 136 -12.10 -3.53 -10.54
CA ASN A 136 -12.31 -3.93 -9.16
C ASN A 136 -11.58 -5.24 -8.83
N VAL A 137 -11.58 -6.20 -9.76
CA VAL A 137 -10.83 -7.46 -9.60
C VAL A 137 -9.32 -7.19 -9.56
N VAL A 138 -8.85 -6.32 -10.45
CA VAL A 138 -7.44 -5.90 -10.45
C VAL A 138 -7.05 -5.31 -9.10
N ALA A 139 -7.92 -4.44 -8.57
CA ALA A 139 -7.73 -3.86 -7.24
C ALA A 139 -7.57 -4.93 -6.16
N GLN A 140 -8.52 -5.87 -6.12
CA GLN A 140 -8.52 -6.95 -5.13
C GLN A 140 -7.24 -7.77 -5.17
N LEU A 141 -6.81 -8.13 -6.38
CA LEU A 141 -5.55 -8.84 -6.60
C LEU A 141 -4.37 -8.05 -6.02
N VAL A 142 -4.27 -6.77 -6.41
CA VAL A 142 -3.23 -5.86 -5.91
C VAL A 142 -3.21 -5.84 -4.37
N ARG A 143 -4.38 -5.65 -3.80
CA ARG A 143 -4.54 -5.66 -2.34
C ARG A 143 -4.03 -6.97 -1.79
N ARG A 144 -4.55 -8.06 -2.35
CA ARG A 144 -4.21 -9.41 -1.92
C ARG A 144 -2.69 -9.60 -1.92
N ALA A 145 -2.03 -9.08 -2.95
CA ALA A 145 -0.57 -9.12 -3.06
C ALA A 145 0.12 -8.28 -1.99
N GLU A 146 -0.33 -7.03 -1.80
CA GLU A 146 0.19 -6.17 -0.73
C GLU A 146 0.09 -6.81 0.67
N ARG A 147 -1.08 -7.37 0.97
CA ARG A 147 -1.28 -8.11 2.23
C ARG A 147 -0.35 -9.32 2.37
N ALA A 148 -0.09 -10.00 1.27
CA ALA A 148 0.84 -11.14 1.26
C ALA A 148 2.33 -10.74 1.28
N GLY A 149 2.63 -9.45 1.40
CA GLY A 149 4.01 -8.97 1.51
C GLY A 149 4.74 -8.92 0.19
N PHE A 150 4.00 -8.78 -0.91
CA PHE A 150 4.61 -8.67 -2.24
C PHE A 150 5.03 -7.21 -2.46
N LYS A 151 6.17 -7.04 -3.13
CA LYS A 151 6.87 -5.77 -3.12
C LYS A 151 6.81 -4.98 -4.43
N ALA A 152 6.36 -5.61 -5.51
CA ALA A 152 6.20 -4.91 -6.79
C ALA A 152 5.16 -5.60 -7.64
N ILE A 153 4.66 -4.88 -8.64
CA ILE A 153 3.74 -5.40 -9.62
C ILE A 153 4.43 -5.45 -10.98
N ALA A 154 4.64 -6.66 -11.49
CA ALA A 154 4.99 -6.84 -12.90
C ALA A 154 3.71 -6.82 -13.71
N LEU A 155 3.39 -5.66 -14.27
CA LEU A 155 2.20 -5.52 -15.12
C LEU A 155 2.56 -6.01 -16.52
N THR A 156 1.81 -6.98 -17.02
CA THR A 156 1.98 -7.43 -18.40
C THR A 156 1.42 -6.36 -19.32
N VAL A 157 2.20 -5.95 -20.32
CA VAL A 157 1.78 -4.89 -21.26
C VAL A 157 1.84 -5.25 -22.76
N ASP A 158 2.14 -6.52 -23.07
CA ASP A 158 2.24 -7.00 -24.44
C ASP A 158 1.15 -8.02 -24.78
N THR A 159 0.09 -8.04 -23.96
CA THR A 159 -0.95 -9.05 -24.04
C THR A 159 -2.34 -8.40 -23.90
N PRO A 160 -2.71 -7.56 -24.89
CA PRO A 160 -4.10 -7.12 -25.00
C PRO A 160 -4.98 -8.27 -25.46
N ARG A 161 -4.38 -9.20 -26.21
CA ARG A 161 -4.98 -10.46 -26.59
C ARG A 161 -3.91 -11.54 -26.46
N LEU A 162 -4.33 -12.77 -26.20
CA LEU A 162 -3.40 -13.89 -26.10
C LEU A 162 -2.83 -14.30 -27.46
N GLY A 163 -1.54 -14.63 -27.47
CA GLY A 163 -0.87 -15.10 -28.65
C GLY A 163 -1.33 -16.51 -28.97
N ARG A 164 -1.19 -16.88 -30.24
CA ARG A 164 -1.69 -18.15 -30.73
C ARG A 164 -0.63 -19.23 -30.55
N ARG A 165 -0.74 -19.95 -29.44
CA ARG A 165 0.14 -21.08 -29.14
C ARG A 165 -0.60 -22.33 -29.57
N GLU A 166 -0.23 -22.83 -30.74
CA GLU A 166 -1.06 -23.78 -31.46
C GLU A 166 -1.13 -25.17 -30.83
N ALA A 167 -0.08 -25.55 -30.11
CA ALA A 167 -0.06 -26.79 -29.35
C ALA A 167 -1.30 -26.93 -28.49
N ASP A 168 -1.68 -25.86 -27.78
CA ASP A 168 -2.88 -25.86 -26.92
C ASP A 168 -4.19 -26.18 -27.62
N ILE A 169 -4.36 -25.62 -28.81
CA ILE A 169 -5.53 -25.90 -29.63
C ILE A 169 -5.48 -27.36 -30.07
N LYS A 170 -4.32 -27.79 -30.56
CA LYS A 170 -4.08 -29.19 -30.93
C LYS A 170 -4.14 -30.20 -29.78
N ASN A 171 -3.88 -29.74 -28.55
CA ASN A 171 -3.95 -30.60 -27.36
C ASN A 171 -5.28 -30.50 -26.61
N ARG A 172 -6.14 -29.56 -27.01
CA ARG A 172 -7.42 -29.29 -26.32
C ARG A 172 -7.11 -29.00 -24.84
N PHE A 173 -6.34 -27.94 -24.61
CA PHE A 173 -5.72 -27.69 -23.30
C PHE A 173 -6.72 -27.26 -22.23
N VAL A 174 -6.90 -28.13 -21.23
CA VAL A 174 -7.76 -27.87 -20.08
C VAL A 174 -6.92 -27.95 -18.81
N LEU A 175 -7.13 -26.99 -17.91
CA LEU A 175 -6.59 -27.03 -16.55
C LEU A 175 -7.09 -28.29 -15.85
N PRO A 176 -6.19 -29.10 -15.25
CA PRO A 176 -6.55 -30.29 -14.47
C PRO A 176 -7.62 -30.09 -13.37
N PRO A 177 -8.30 -31.19 -12.95
CA PRO A 177 -9.50 -31.15 -12.09
C PRO A 177 -9.43 -30.35 -10.79
N PHE A 178 -8.38 -30.54 -9.99
CA PHE A 178 -8.33 -29.99 -8.62
C PHE A 178 -7.44 -28.75 -8.47
N LEU A 179 -7.10 -28.15 -9.61
CA LEU A 179 -6.31 -26.93 -9.64
C LEU A 179 -7.24 -25.76 -9.96
N THR A 180 -6.95 -24.61 -9.35
CA THR A 180 -7.65 -23.37 -9.63
C THR A 180 -6.66 -22.23 -9.69
N LEU A 181 -7.12 -21.10 -10.23
CA LEU A 181 -6.35 -19.88 -10.23
C LEU A 181 -6.63 -19.21 -8.87
N LYS A 182 -5.78 -19.54 -7.90
CA LYS A 182 -6.03 -19.26 -6.49
C LYS A 182 -6.06 -17.78 -6.10
N ASN A 183 -5.48 -16.91 -6.91
CA ASN A 183 -5.57 -15.46 -6.68
C ASN A 183 -6.98 -14.92 -6.93
N PHE A 184 -7.72 -15.60 -7.81
CA PHE A 184 -9.10 -15.25 -8.13
C PHE A 184 -10.13 -15.95 -7.23
N GLU A 185 -9.73 -17.03 -6.56
CA GLU A 185 -10.56 -17.69 -5.57
C GLU A 185 -10.77 -16.75 -4.39
N GLY A 186 -11.99 -16.68 -3.87
CA GLY A 186 -12.32 -15.81 -2.73
C GLY A 186 -12.49 -14.32 -3.04
N LEU A 187 -12.37 -13.95 -4.32
CA LEU A 187 -12.50 -12.56 -4.74
C LEU A 187 -13.91 -12.30 -5.25
N ASP A 188 -14.35 -11.05 -5.14
CA ASP A 188 -15.61 -10.61 -5.74
C ASP A 188 -15.41 -10.47 -7.24
N LEU A 189 -15.92 -11.46 -7.98
CA LEU A 189 -15.88 -11.46 -9.44
C LEU A 189 -17.14 -10.83 -10.09
N GLY A 190 -17.98 -10.19 -9.28
CA GLY A 190 -19.25 -9.63 -9.75
C GLY A 190 -20.33 -10.66 -10.02
N LYS A 191 -20.13 -11.90 -9.56
CA LYS A 191 -21.00 -13.04 -9.87
C LYS A 191 -21.16 -13.28 -11.39
N GLY A 199 -16.19 -21.78 -15.08
CA GLY A 199 -14.76 -22.01 -15.18
C GLY A 199 -13.99 -20.72 -14.98
N LEU A 200 -12.99 -20.76 -14.08
CA LEU A 200 -12.20 -19.57 -13.72
C LEU A 200 -11.14 -19.24 -14.78
N ALA A 201 -10.54 -20.27 -15.39
CA ALA A 201 -9.63 -20.09 -16.52
C ALA A 201 -10.33 -19.39 -17.68
N SER A 202 -11.57 -19.82 -17.97
CA SER A 202 -12.42 -19.19 -18.99
C SER A 202 -12.74 -17.74 -18.62
N TYR A 203 -13.02 -17.50 -17.34
CA TYR A 203 -13.27 -16.16 -16.85
C TYR A 203 -12.07 -15.26 -17.10
N VAL A 204 -10.91 -15.61 -16.54
CA VAL A 204 -9.70 -14.75 -16.64
C VAL A 204 -9.27 -14.53 -18.10
N ALA A 205 -9.51 -15.52 -18.97
CA ALA A 205 -9.19 -15.41 -20.39
C ALA A 205 -10.03 -14.32 -21.07
N GLY A 206 -11.33 -14.33 -20.77
CA GLY A 206 -12.24 -13.27 -21.22
C GLY A 206 -12.05 -11.92 -20.54
N GLN A 207 -11.27 -11.90 -19.46
CA GLN A 207 -10.95 -10.68 -18.70
C GLN A 207 -9.73 -9.92 -19.20
N ILE A 208 -8.92 -10.53 -20.06
CA ILE A 208 -7.76 -9.87 -20.61
C ILE A 208 -8.28 -8.74 -21.47
N ASP A 209 -7.87 -7.51 -21.13
CA ASP A 209 -8.45 -6.28 -21.67
C ASP A 209 -7.75 -5.85 -22.96
N ARG A 210 -8.49 -5.85 -24.06
CA ARG A 210 -7.97 -5.40 -25.36
C ARG A 210 -7.81 -3.87 -25.47
N THR A 211 -8.35 -3.12 -24.51
CA THR A 211 -8.45 -1.65 -24.62
C THR A 211 -7.35 -0.86 -23.90
N LEU A 212 -6.41 -1.54 -23.25
CA LEU A 212 -5.45 -0.86 -22.38
C LEU A 212 -4.63 0.17 -23.15
N SER A 213 -4.46 1.34 -22.53
CA SER A 213 -3.53 2.34 -22.99
C SER A 213 -2.48 2.54 -21.90
N TRP A 214 -1.60 3.53 -22.09
CA TRP A 214 -0.68 3.93 -21.03
C TRP A 214 -1.40 4.63 -19.87
N LYS A 215 -2.60 5.17 -20.13
CA LYS A 215 -3.44 5.77 -19.08
C LYS A 215 -3.86 4.71 -18.05
N ASP A 216 -4.03 3.47 -18.51
CA ASP A 216 -4.36 2.35 -17.63
C ASP A 216 -3.17 1.89 -16.78
N VAL A 217 -1.95 2.10 -17.29
CA VAL A 217 -0.73 1.93 -16.47
C VAL A 217 -0.69 3.01 -15.40
N GLN A 218 -1.04 4.24 -15.78
CA GLN A 218 -1.14 5.35 -14.83
C GLN A 218 -2.26 5.12 -13.83
N TRP A 219 -3.35 4.50 -14.30
CA TRP A 219 -4.43 4.08 -13.43
C TRP A 219 -4.00 3.01 -12.42
N LEU A 220 -3.20 2.04 -12.86
CA LEU A 220 -2.70 1.02 -11.94
C LEU A 220 -1.97 1.67 -10.76
N GLN A 221 -1.26 2.76 -11.04
CA GLN A 221 -0.56 3.52 -10.01
C GLN A 221 -1.49 4.29 -9.04
N THR A 222 -2.78 4.45 -9.39
CA THR A 222 -3.76 5.07 -8.48
C THR A 222 -4.34 4.08 -7.47
N ILE A 223 -4.18 2.78 -7.71
CA ILE A 223 -4.67 1.75 -6.78
C ILE A 223 -3.58 1.02 -6.00
N THR A 224 -2.30 1.27 -6.31
CA THR A 224 -1.19 0.75 -5.51
C THR A 224 -0.02 1.72 -5.50
N SER A 225 0.66 1.81 -4.36
CA SER A 225 1.91 2.53 -4.24
C SER A 225 3.12 1.64 -4.51
N LEU A 226 2.88 0.33 -4.68
CA LEU A 226 3.95 -0.60 -5.07
C LEU A 226 4.53 -0.22 -6.43
N PRO A 227 5.88 -0.30 -6.59
CA PRO A 227 6.50 -0.01 -7.87
C PRO A 227 5.96 -0.91 -8.97
N ILE A 228 5.69 -0.32 -10.14
CA ILE A 228 5.18 -1.05 -11.29
C ILE A 228 6.31 -1.36 -12.28
N LEU A 229 6.63 -2.64 -12.41
CA LEU A 229 7.42 -3.13 -13.53
C LEU A 229 6.47 -3.31 -14.71
N VAL A 230 6.66 -2.48 -15.71
CA VAL A 230 5.96 -2.60 -16.98
C VAL A 230 6.64 -3.74 -17.73
N LYS A 231 5.90 -4.81 -17.99
CA LYS A 231 6.47 -6.06 -18.49
C LYS A 231 6.08 -6.39 -19.92
N GLY A 232 7.04 -6.25 -20.83
CA GLY A 232 6.85 -6.58 -22.24
C GLY A 232 7.12 -5.40 -23.14
N VAL A 233 8.31 -4.83 -23.04
CA VAL A 233 8.69 -3.66 -23.83
C VAL A 233 9.93 -4.01 -24.65
N LEU A 234 9.79 -4.00 -25.97
CA LEU A 234 10.87 -4.35 -26.88
C LEU A 234 11.34 -3.18 -27.74
N THR A 235 10.74 -2.01 -27.55
CA THR A 235 11.02 -0.83 -28.38
C THR A 235 11.48 0.33 -27.52
N ALA A 236 12.40 1.12 -28.07
CA ALA A 236 12.83 2.38 -27.44
C ALA A 236 11.67 3.36 -27.31
N GLU A 237 10.76 3.35 -28.28
CA GLU A 237 9.58 4.23 -28.27
C GLU A 237 8.72 3.98 -27.03
N ASP A 238 8.43 2.72 -26.73
CA ASP A 238 7.64 2.35 -25.56
C ASP A 238 8.45 2.34 -24.27
N ALA A 239 9.76 2.14 -24.39
CA ALA A 239 10.67 2.30 -23.25
C ALA A 239 10.59 3.72 -22.72
N ARG A 240 10.64 4.68 -23.64
CA ARG A 240 10.42 6.11 -23.32
C ARG A 240 9.05 6.32 -22.64
N LEU A 241 8.00 5.81 -23.28
CA LEU A 241 6.65 5.95 -22.74
C LEU A 241 6.46 5.31 -21.35
N ALA A 242 7.17 4.21 -21.10
CA ALA A 242 7.14 3.54 -19.79
C ALA A 242 7.71 4.41 -18.68
N VAL A 243 8.77 5.16 -18.99
CA VAL A 243 9.38 6.10 -18.03
C VAL A 243 8.37 7.20 -17.75
N GLN A 244 7.85 7.80 -18.81
CA GLN A 244 6.87 8.89 -18.71
C GLN A 244 5.57 8.45 -18.02
N ALA A 245 5.19 7.19 -18.21
CA ALA A 245 3.99 6.63 -17.57
C ALA A 245 4.14 6.35 -16.07
N GLY A 246 5.37 6.41 -15.56
CA GLY A 246 5.64 6.23 -14.13
C GLY A 246 6.02 4.81 -13.73
N ALA A 247 6.64 4.07 -14.66
CA ALA A 247 7.04 2.69 -14.38
C ALA A 247 8.27 2.71 -13.49
N ALA A 248 8.28 1.82 -12.51
CA ALA A 248 9.43 1.65 -11.63
C ALA A 248 10.58 0.96 -12.35
N GLY A 249 10.25 0.16 -13.35
CA GLY A 249 11.24 -0.49 -14.20
C GLY A 249 10.59 -1.07 -15.43
N ILE A 250 11.43 -1.55 -16.35
CA ILE A 250 10.97 -2.16 -17.57
C ILE A 250 11.56 -3.56 -17.65
N ILE A 251 10.72 -4.53 -17.92
CA ILE A 251 11.17 -5.87 -18.23
C ILE A 251 11.07 -5.96 -19.74
N VAL A 252 12.23 -6.04 -20.39
CA VAL A 252 12.31 -6.37 -21.80
C VAL A 252 11.97 -7.86 -21.87
N SER A 253 10.71 -8.12 -22.18
CA SER A 253 10.18 -9.46 -22.26
C SER A 253 9.40 -9.54 -23.55
N ASN A 254 9.44 -10.71 -24.18
CA ASN A 254 8.53 -11.02 -25.29
C ASN A 254 7.57 -12.13 -24.89
N HIS A 255 7.21 -12.16 -23.60
CA HIS A 255 6.28 -13.13 -23.05
C HIS A 255 6.75 -14.56 -23.33
N GLY A 256 8.04 -14.81 -23.17
CA GLY A 256 8.62 -16.09 -23.57
C GLY A 256 8.32 -16.50 -25.01
N ALA A 257 8.26 -15.51 -25.90
CA ALA A 257 7.87 -15.69 -27.29
C ALA A 257 6.48 -16.35 -27.46
N ARG A 258 5.56 -16.01 -26.56
CA ARG A 258 4.21 -16.59 -26.53
C ARG A 258 3.09 -15.69 -27.08
N GLN A 259 3.42 -14.45 -27.41
CA GLN A 259 2.42 -13.49 -27.87
C GLN A 259 2.53 -13.28 -29.38
N LEU A 260 3.20 -12.21 -29.80
CA LEU A 260 3.48 -11.97 -31.22
C LEU A 260 4.77 -12.72 -31.52
N ASP A 261 4.71 -13.62 -32.50
CA ASP A 261 5.91 -14.27 -32.99
C ASP A 261 6.54 -13.36 -34.02
N TYR A 262 7.84 -13.52 -34.23
CA TYR A 262 8.65 -12.65 -35.09
C TYR A 262 8.90 -11.27 -34.48
N VAL A 263 8.69 -11.20 -33.18
CA VAL A 263 9.10 -10.08 -32.35
C VAL A 263 10.58 -10.40 -32.11
N PRO A 264 11.42 -9.37 -31.89
CA PRO A 264 12.85 -9.67 -31.69
C PRO A 264 13.10 -10.42 -30.39
N SER A 265 14.25 -11.07 -30.29
CA SER A 265 14.68 -11.60 -29.00
C SER A 265 14.89 -10.43 -28.09
N THR A 266 14.68 -10.67 -26.80
CA THR A 266 14.85 -9.65 -25.79
C THR A 266 16.30 -9.14 -25.66
N ILE A 267 17.26 -9.85 -26.26
CA ILE A 267 18.69 -9.55 -26.12
C ILE A 267 19.05 -8.54 -27.20
N MET A 268 18.55 -8.77 -28.42
CA MET A 268 18.55 -7.76 -29.49
C MET A 268 17.80 -6.50 -29.06
N ALA A 269 16.61 -6.70 -28.52
CA ALA A 269 15.77 -5.61 -28.07
C ALA A 269 16.35 -4.86 -26.86
N LEU A 270 17.07 -5.56 -25.99
CA LEU A 270 17.48 -5.02 -24.69
C LEU A 270 18.19 -3.67 -24.77
N GLU A 271 19.26 -3.61 -25.56
CA GLU A 271 20.14 -2.45 -25.57
C GLU A 271 19.44 -1.19 -26.07
N GLU A 272 18.49 -1.38 -26.99
CA GLU A 272 17.66 -0.27 -27.49
C GLU A 272 16.80 0.29 -26.35
N VAL A 273 16.29 -0.60 -25.51
CA VAL A 273 15.41 -0.23 -24.39
C VAL A 273 16.20 0.42 -23.24
N VAL A 274 17.34 -0.18 -22.88
CA VAL A 274 18.22 0.36 -21.84
C VAL A 274 18.60 1.80 -22.16
N LYS A 275 19.08 2.03 -23.39
CA LYS A 275 19.46 3.38 -23.86
C LYS A 275 18.30 4.37 -23.83
N ALA A 276 17.14 3.92 -24.30
CA ALA A 276 15.92 4.73 -24.30
C ALA A 276 15.45 5.11 -22.90
N ALA A 277 15.68 4.22 -21.92
CA ALA A 277 15.34 4.49 -20.52
C ALA A 277 16.28 5.50 -19.85
N GLN A 278 17.49 5.66 -20.41
CA GLN A 278 18.44 6.70 -20.01
C GLN A 278 18.88 6.66 -18.54
N GLY A 279 18.89 5.46 -17.95
CA GLY A 279 19.25 5.29 -16.54
C GLY A 279 18.22 5.80 -15.54
N ARG A 280 17.06 6.23 -16.02
CA ARG A 280 16.02 6.81 -15.16
C ARG A 280 15.39 5.71 -14.32
N ILE A 281 15.25 4.52 -14.93
CA ILE A 281 14.72 3.33 -14.26
C ILE A 281 15.49 2.07 -14.66
N PRO A 282 15.46 1.03 -13.81
CA PRO A 282 16.13 -0.23 -14.16
C PRO A 282 15.42 -0.97 -15.29
N VAL A 283 16.22 -1.62 -16.14
CA VAL A 283 15.71 -2.38 -17.28
C VAL A 283 16.13 -3.83 -17.11
N PHE A 284 15.15 -4.72 -16.94
CA PHE A 284 15.42 -6.14 -16.76
C PHE A 284 15.10 -6.89 -18.04
N LEU A 285 15.53 -8.15 -18.10
CA LEU A 285 15.29 -9.00 -19.25
C LEU A 285 14.78 -10.36 -18.83
N ASP A 286 13.93 -10.96 -19.66
CA ASP A 286 13.69 -12.40 -19.58
C ASP A 286 13.57 -12.94 -21.01
N GLY A 287 13.39 -14.24 -21.15
CA GLY A 287 13.27 -14.85 -22.46
C GLY A 287 14.61 -15.41 -22.90
N GLY A 288 14.72 -16.74 -22.86
CA GLY A 288 15.89 -17.45 -23.36
C GLY A 288 17.13 -17.45 -22.50
N VAL A 289 17.02 -17.07 -21.23
CA VAL A 289 18.15 -17.18 -20.30
C VAL A 289 18.15 -18.60 -19.76
N ARG A 290 19.20 -19.34 -20.11
CA ARG A 290 19.47 -20.66 -19.56
C ARG A 290 20.87 -20.81 -18.98
N ARG A 291 21.80 -19.96 -19.41
CA ARG A 291 23.21 -20.03 -19.05
C ARG A 291 23.60 -18.81 -18.21
N GLY A 292 24.60 -18.99 -17.36
CA GLY A 292 25.25 -17.87 -16.70
C GLY A 292 25.88 -16.90 -17.68
N THR A 293 26.35 -17.42 -18.82
CA THR A 293 26.83 -16.57 -19.91
C THR A 293 25.72 -15.69 -20.50
N ASP A 294 24.48 -16.20 -20.50
CA ASP A 294 23.32 -15.43 -20.94
C ASP A 294 23.05 -14.29 -19.97
N VAL A 295 23.14 -14.60 -18.69
CA VAL A 295 22.94 -13.61 -17.64
C VAL A 295 23.93 -12.46 -17.86
N PHE A 296 25.20 -12.81 -18.01
CA PHE A 296 26.26 -11.83 -18.26
C PHE A 296 25.95 -10.96 -19.47
N LYS A 297 25.71 -11.61 -20.59
CA LYS A 297 25.44 -10.91 -21.84
C LYS A 297 24.30 -9.90 -21.68
N ALA A 298 23.24 -10.32 -21.01
CA ALA A 298 22.13 -9.41 -20.72
C ALA A 298 22.63 -8.21 -19.93
N LEU A 299 23.38 -8.49 -18.87
CA LEU A 299 23.91 -7.42 -18.00
C LEU A 299 24.88 -6.49 -18.71
N ALA A 300 25.74 -7.04 -19.57
CA ALA A 300 26.69 -6.23 -20.35
C ALA A 300 25.98 -5.32 -21.36
N LEU A 301 24.88 -5.80 -21.94
CA LEU A 301 23.97 -4.97 -22.75
C LEU A 301 23.24 -3.89 -21.94
N GLY A 302 23.35 -3.93 -20.62
CA GLY A 302 22.85 -2.87 -19.75
C GLY A 302 21.70 -3.25 -18.84
N ALA A 303 21.28 -4.51 -18.86
CA ALA A 303 20.20 -4.97 -17.99
C ALA A 303 20.59 -4.92 -16.52
N SER A 304 19.61 -4.62 -15.67
CA SER A 304 19.80 -4.61 -14.21
C SER A 304 19.61 -5.98 -13.55
N GLY A 305 19.20 -6.97 -14.33
CA GLY A 305 19.03 -8.33 -13.85
C GLY A 305 18.08 -9.06 -14.76
N ILE A 306 18.07 -10.38 -14.70
CA ILE A 306 17.17 -11.16 -15.56
C ILE A 306 16.21 -12.01 -14.76
N PHE A 307 15.12 -12.39 -15.42
CA PHE A 307 14.21 -13.39 -14.91
C PHE A 307 14.26 -14.63 -15.80
N ILE A 308 14.02 -15.79 -15.18
CA ILE A 308 13.80 -17.05 -15.92
C ILE A 308 12.36 -17.54 -15.68
N GLY A 309 11.73 -18.02 -16.75
CA GLY A 309 10.37 -18.53 -16.68
C GLY A 309 10.36 -20.03 -16.72
N ARG A 310 10.46 -20.57 -17.93
CA ARG A 310 10.31 -22.00 -18.17
C ARG A 310 11.25 -22.92 -17.38
N PRO A 311 12.54 -22.54 -17.22
CA PRO A 311 13.44 -23.38 -16.42
C PRO A 311 12.90 -23.72 -15.02
N VAL A 312 12.17 -22.77 -14.42
CA VAL A 312 11.54 -22.98 -13.13
C VAL A 312 10.49 -24.09 -13.22
N VAL A 313 9.57 -23.99 -14.18
CA VAL A 313 8.50 -25.00 -14.31
C VAL A 313 9.01 -26.35 -14.80
N PHE A 314 10.01 -26.34 -15.69
CA PHE A 314 10.61 -27.59 -16.18
C PHE A 314 11.39 -28.31 -15.09
N SER A 315 12.13 -27.57 -14.29
CA SER A 315 12.92 -28.16 -13.20
C SER A 315 12.03 -28.55 -12.04
N LEU A 316 11.00 -27.76 -11.79
CA LEU A 316 9.92 -28.13 -10.86
C LEU A 316 9.26 -29.44 -11.28
N ALA A 317 8.94 -29.57 -12.56
CA ALA A 317 8.38 -30.80 -13.11
C ALA A 317 9.34 -31.99 -12.94
N ALA A 318 10.62 -31.72 -13.10
CA ALA A 318 11.66 -32.73 -12.98
C ALA A 318 11.85 -33.22 -11.53
N GLU A 319 12.34 -32.33 -10.67
CA GLU A 319 12.81 -32.69 -9.32
C GLU A 319 12.12 -31.92 -8.19
N GLY A 320 10.99 -31.27 -8.49
CA GLY A 320 10.28 -30.45 -7.50
C GLY A 320 11.08 -29.24 -7.07
N GLU A 321 11.02 -28.90 -5.78
CA GLU A 321 11.78 -27.77 -5.24
C GLU A 321 13.27 -27.90 -5.52
N ALA A 322 13.82 -29.10 -5.34
CA ALA A 322 15.24 -29.35 -5.59
C ALA A 322 15.65 -29.01 -7.03
N GLY A 323 14.72 -29.22 -7.96
CA GLY A 323 14.95 -28.86 -9.36
C GLY A 323 15.12 -27.37 -9.55
N ILE A 324 14.28 -26.58 -8.88
CA ILE A 324 14.34 -25.12 -9.00
C ILE A 324 15.57 -24.63 -8.23
N LYS A 325 15.82 -25.26 -7.08
CA LYS A 325 17.04 -25.03 -6.32
C LYS A 325 18.27 -25.16 -7.21
N LYS A 326 18.34 -26.28 -7.95
CA LYS A 326 19.51 -26.55 -8.81
C LYS A 326 19.61 -25.62 -10.03
N VAL A 327 18.47 -25.19 -10.57
CA VAL A 327 18.45 -24.21 -11.67
C VAL A 327 19.03 -22.87 -11.21
N LEU A 328 18.57 -22.38 -10.06
CA LEU A 328 19.10 -21.14 -9.50
C LEU A 328 20.58 -21.28 -9.14
N GLN A 329 20.93 -22.42 -8.55
CA GLN A 329 22.30 -22.68 -8.17
C GLN A 329 23.21 -22.79 -9.40
N MET A 330 22.73 -23.49 -10.45
CA MET A 330 23.49 -23.66 -11.68
C MET A 330 23.72 -22.30 -12.34
N LEU A 331 22.64 -21.60 -12.64
CA LEU A 331 22.73 -20.23 -13.18
C LEU A 331 23.66 -19.34 -12.36
N ARG A 332 23.57 -19.48 -11.05
CA ARG A 332 24.42 -18.72 -10.15
C ARG A 332 25.88 -19.07 -10.37
N ASP A 333 26.23 -20.35 -10.19
CA ASP A 333 27.61 -20.82 -10.34
C ASP A 333 28.17 -20.50 -11.71
N GLU A 334 27.36 -20.78 -12.73
CA GLU A 334 27.70 -20.46 -14.12
C GLU A 334 27.94 -18.97 -14.32
N PHE A 335 27.10 -18.15 -13.71
CA PHE A 335 27.24 -16.70 -13.80
C PHE A 335 28.46 -16.20 -13.03
N GLU A 336 28.72 -16.76 -11.83
CA GLU A 336 29.95 -16.43 -11.07
C GLU A 336 31.19 -16.77 -11.88
N LEU A 337 31.16 -17.93 -12.54
CA LEU A 337 32.29 -18.35 -13.36
C LEU A 337 32.43 -17.48 -14.60
N THR A 338 31.32 -17.12 -15.23
CA THR A 338 31.34 -16.20 -16.36
C THR A 338 31.99 -14.89 -15.95
N MET A 339 31.61 -14.41 -14.78
CA MET A 339 32.17 -13.19 -14.20
C MET A 339 33.67 -13.33 -13.94
N ALA A 340 34.06 -14.45 -13.35
CA ALA A 340 35.49 -14.75 -13.10
C ALA A 340 36.29 -14.74 -14.39
N LEU A 341 35.81 -15.50 -15.38
CA LEU A 341 36.52 -15.67 -16.64
C LEU A 341 36.42 -14.45 -17.56
N SER A 342 35.51 -13.52 -17.26
CA SER A 342 35.42 -12.23 -17.94
C SER A 342 36.25 -11.13 -17.25
N GLY A 343 36.62 -11.32 -15.99
CA GLY A 343 37.38 -10.33 -15.22
C GLY A 343 36.50 -9.37 -14.45
N CYS A 344 35.32 -9.85 -14.07
CA CYS A 344 34.30 -9.02 -13.46
C CYS A 344 34.04 -9.52 -12.05
N ARG A 345 34.31 -8.66 -11.08
CA ARG A 345 34.24 -9.01 -9.66
C ARG A 345 32.98 -8.40 -9.02
N SER A 346 32.31 -7.52 -9.75
CA SER A 346 31.01 -6.99 -9.38
C SER A 346 30.17 -6.82 -10.66
N LEU A 347 28.87 -6.60 -10.49
CA LEU A 347 27.99 -6.31 -11.62
C LEU A 347 28.32 -4.95 -12.27
N ASN A 348 28.85 -4.00 -11.50
CA ASN A 348 29.32 -2.72 -12.06
C ASN A 348 30.50 -2.92 -13.01
N GLU A 349 31.35 -3.91 -12.71
CA GLU A 349 32.47 -4.26 -13.59
C GLU A 349 32.10 -5.04 -14.86
N ILE A 350 30.84 -5.44 -14.99
CA ILE A 350 30.32 -6.03 -16.22
C ILE A 350 29.97 -4.88 -17.17
N THR A 351 30.81 -4.67 -18.17
CA THR A 351 30.70 -3.53 -19.09
C THR A 351 30.34 -3.99 -20.48
N ARG A 352 29.94 -3.04 -21.33
CA ARG A 352 29.64 -3.32 -22.73
C ARG A 352 30.85 -3.90 -23.48
N ASN A 353 32.05 -3.43 -23.14
CA ASN A 353 33.28 -3.90 -23.79
C ASN A 353 33.63 -5.36 -23.49
N HIS A 354 33.03 -5.94 -22.45
CA HIS A 354 33.16 -7.38 -22.18
C HIS A 354 32.39 -8.30 -23.13
N ILE A 355 31.61 -7.74 -24.05
CA ILE A 355 30.96 -8.53 -25.09
C ILE A 355 31.12 -7.91 -26.48
N VAL A 356 30.73 -8.67 -27.49
CA VAL A 356 30.58 -8.19 -28.87
C VAL A 356 29.41 -8.94 -29.49
N THR A 357 28.48 -8.20 -30.09
CA THR A 357 27.32 -8.79 -30.75
C THR A 357 27.54 -8.81 -32.25
N GLU A 358 26.62 -9.46 -32.97
CA GLU A 358 26.51 -9.31 -34.42
C GLU A 358 26.32 -7.85 -34.83
N TRP A 359 25.46 -7.16 -34.08
CA TRP A 359 24.91 -5.86 -34.47
C TRP A 359 25.75 -4.64 -34.00
N ASP A 360 26.97 -4.89 -33.53
CA ASP A 360 27.92 -3.80 -33.21
C ASP A 360 28.33 -3.04 -34.48
N GLU B 3 -1.09 32.97 32.57
CA GLU B 3 -0.46 31.62 32.34
C GLU B 3 -1.54 30.58 31.99
N VAL B 4 -1.38 29.92 30.84
CA VAL B 4 -2.34 28.93 30.35
C VAL B 4 -2.18 27.62 31.13
N THR B 5 -3.25 27.19 31.80
CA THR B 5 -3.23 26.02 32.67
C THR B 5 -4.15 24.87 32.25
N ASN B 6 -5.02 25.08 31.26
CA ASN B 6 -5.82 23.99 30.71
C ASN B 6 -6.06 24.18 29.22
N VAL B 7 -6.56 23.14 28.58
CA VAL B 7 -6.81 23.12 27.14
C VAL B 7 -7.95 24.07 26.73
N MET B 8 -9.03 24.14 27.52
CA MET B 8 -10.17 25.01 27.16
C MET B 8 -9.82 26.50 27.02
N GLU B 9 -8.79 26.95 27.74
CA GLU B 9 -8.36 28.35 27.70
C GLU B 9 -7.89 28.82 26.33
N TYR B 10 -7.30 27.91 25.57
CA TYR B 10 -6.87 28.21 24.21
C TYR B 10 -8.01 28.57 23.24
N GLU B 11 -9.22 28.04 23.49
CA GLU B 11 -10.41 28.45 22.72
C GLU B 11 -10.63 29.95 22.83
N ALA B 12 -10.58 30.47 24.06
CA ALA B 12 -10.78 31.91 24.31
C ALA B 12 -9.68 32.77 23.70
N ILE B 13 -8.44 32.30 23.82
CA ILE B 13 -7.30 32.98 23.22
C ILE B 13 -7.46 32.98 21.70
N ALA B 14 -7.83 31.83 21.14
CA ALA B 14 -8.12 31.70 19.71
C ALA B 14 -9.27 32.61 19.28
N LYS B 15 -10.34 32.65 20.06
CA LYS B 15 -11.45 33.57 19.78
C LYS B 15 -11.01 35.03 19.84
N LYS B 16 -10.14 35.34 20.80
CA LYS B 16 -9.59 36.68 20.95
C LYS B 16 -8.72 37.03 19.74
N LYS B 17 -7.85 36.10 19.35
CA LYS B 17 -6.84 36.34 18.32
C LYS B 17 -7.37 36.20 16.88
N LEU B 18 -8.14 35.15 16.61
CA LEU B 18 -8.57 34.83 15.24
C LEU B 18 -9.66 35.77 14.74
N PRO B 19 -9.75 35.94 13.40
CA PRO B 19 -10.90 36.65 12.84
C PRO B 19 -12.15 35.81 13.00
N LYS B 20 -13.28 36.47 13.28
CA LYS B 20 -14.53 35.76 13.60
C LYS B 20 -14.80 34.54 12.71
N MET B 21 -14.74 34.72 11.39
CA MET B 21 -15.17 33.64 10.49
C MET B 21 -14.27 32.43 10.59
N VAL B 22 -12.99 32.64 10.91
CA VAL B 22 -12.06 31.53 11.09
C VAL B 22 -12.31 30.85 12.44
N PHE B 23 -12.47 31.63 13.51
CA PHE B 23 -12.77 31.04 14.82
C PHE B 23 -14.07 30.26 14.77
N ASP B 24 -15.11 30.89 14.22
CA ASP B 24 -16.40 30.25 14.07
C ASP B 24 -16.31 29.01 13.22
N TYR B 25 -15.54 29.05 12.14
CA TYR B 25 -15.35 27.84 11.32
C TYR B 25 -14.92 26.66 12.18
N TYR B 26 -13.94 26.90 13.04
CA TYR B 26 -13.39 25.85 13.91
C TYR B 26 -14.30 25.51 15.09
N ALA B 27 -14.78 26.54 15.78
CA ALA B 27 -15.53 26.37 17.02
C ALA B 27 -16.95 25.89 16.81
N SER B 28 -17.58 26.33 15.72
CA SER B 28 -19.01 26.09 15.46
C SER B 28 -19.37 24.60 15.43
N GLY B 29 -20.57 24.31 15.92
CA GLY B 29 -21.22 23.00 15.80
C GLY B 29 -22.50 23.15 14.99
N ALA B 30 -23.27 22.08 14.91
CA ALA B 30 -24.46 22.04 14.06
C ALA B 30 -25.64 22.81 14.65
N GLU B 31 -26.08 23.85 13.94
CA GLU B 31 -27.35 24.54 14.24
C GLU B 31 -27.40 25.14 15.66
N ASP B 32 -28.44 24.90 16.46
CA ASP B 32 -28.39 25.27 17.90
C ASP B 32 -27.41 24.27 18.44
N GLN B 33 -26.33 24.68 19.07
CA GLN B 33 -25.16 23.80 19.15
C GLN B 33 -25.22 22.92 20.38
N TRP B 34 -26.26 22.09 20.42
CA TRP B 34 -26.61 21.32 21.60
C TRP B 34 -25.55 20.23 21.83
N THR B 35 -25.34 19.40 20.82
CA THR B 35 -24.39 18.28 20.90
C THR B 35 -22.95 18.77 21.09
N LEU B 36 -22.65 19.98 20.63
CA LEU B 36 -21.35 20.63 20.87
C LEU B 36 -21.14 20.85 22.35
N ALA B 37 -22.13 21.45 22.99
CA ALA B 37 -22.11 21.65 24.43
C ALA B 37 -22.13 20.31 25.16
N GLU B 38 -22.97 19.39 24.67
CA GLU B 38 -23.14 18.08 25.28
C GLU B 38 -21.87 17.24 25.26
N ASN B 39 -21.06 17.39 24.22
CA ASN B 39 -19.74 16.74 24.15
C ASN B 39 -18.84 17.08 25.34
N ARG B 40 -18.89 18.33 25.78
CA ARG B 40 -18.18 18.78 26.98
C ARG B 40 -18.92 18.41 28.25
N ASN B 41 -20.23 18.66 28.25
CA ASN B 41 -21.05 18.53 29.47
C ASN B 41 -21.18 17.09 29.96
N ALA B 42 -21.23 16.12 29.04
CA ALA B 42 -21.46 14.72 29.41
C ALA B 42 -20.27 14.16 30.17
N PHE B 43 -19.08 14.66 29.90
CA PHE B 43 -17.90 14.29 30.70
C PHE B 43 -18.07 14.65 32.17
N SER B 44 -18.72 15.78 32.44
CA SER B 44 -19.01 16.24 33.79
C SER B 44 -20.13 15.50 34.51
N ARG B 45 -20.86 14.64 33.79
CA ARG B 45 -21.80 13.69 34.40
C ARG B 45 -21.19 12.34 34.72
N ILE B 46 -19.87 12.19 34.55
CA ILE B 46 -19.18 10.95 34.89
C ILE B 46 -18.23 11.25 36.05
N LEU B 47 -18.44 10.54 37.16
CA LEU B 47 -17.61 10.67 38.34
C LEU B 47 -16.62 9.54 38.42
N PHE B 48 -15.54 9.77 39.16
CA PHE B 48 -14.52 8.76 39.41
C PHE B 48 -14.81 8.00 40.70
N ARG B 49 -14.31 6.77 40.75
CA ARG B 49 -14.25 5.98 41.98
C ARG B 49 -12.77 5.63 42.11
N PRO B 50 -11.97 6.59 42.59
CA PRO B 50 -10.54 6.41 42.58
C PRO B 50 -10.13 5.35 43.60
N ARG B 51 -9.10 4.59 43.26
CA ARG B 51 -8.50 3.62 44.16
C ARG B 51 -7.18 4.17 44.66
N ILE B 52 -7.01 4.12 45.97
CA ILE B 52 -5.93 4.84 46.66
C ILE B 52 -4.85 3.89 47.13
N LEU B 53 -3.72 4.47 47.56
CA LEU B 53 -2.61 3.73 48.12
C LEU B 53 -2.25 2.54 47.22
N ILE B 54 -2.00 2.89 45.96
CA ILE B 54 -1.45 1.96 44.99
C ILE B 54 -0.19 2.65 44.49
N ASP B 55 0.92 1.92 44.41
CA ASP B 55 2.18 2.48 43.95
C ASP B 55 1.99 3.06 42.54
N VAL B 56 1.85 4.39 42.46
CA VAL B 56 1.69 5.10 41.17
C VAL B 56 2.89 5.98 40.80
N SER B 57 4.09 5.50 41.14
CA SER B 57 5.35 6.20 40.81
C SER B 57 5.73 6.02 39.35
N LYS B 58 5.59 4.79 38.85
CA LYS B 58 5.74 4.49 37.43
C LYS B 58 4.35 4.34 36.84
N ILE B 59 3.97 5.24 35.93
CA ILE B 59 2.70 5.19 35.20
C ILE B 59 3.01 5.01 33.72
N ASP B 60 2.66 3.85 33.16
CA ASP B 60 2.79 3.63 31.72
C ASP B 60 1.48 3.95 31.02
N MET B 61 1.44 5.10 30.37
CA MET B 61 0.29 5.47 29.54
C MET B 61 0.54 5.19 28.07
N SER B 62 1.66 4.53 27.74
CA SER B 62 1.90 4.11 26.35
C SER B 62 0.84 3.09 25.94
N THR B 63 0.66 2.98 24.63
CA THR B 63 -0.34 2.08 24.08
C THR B 63 0.01 1.76 22.64
N THR B 64 -0.76 0.86 22.04
CA THR B 64 -0.58 0.46 20.66
C THR B 64 -1.88 0.75 19.91
N VAL B 65 -1.76 1.49 18.81
CA VAL B 65 -2.90 1.81 17.94
C VAL B 65 -2.61 1.26 16.55
N LEU B 66 -3.39 0.27 16.12
CA LEU B 66 -3.24 -0.38 14.82
C LEU B 66 -1.82 -0.92 14.58
N GLY B 67 -1.22 -1.45 15.64
CA GLY B 67 0.13 -2.02 15.58
C GLY B 67 1.27 -1.03 15.77
N PHE B 68 0.95 0.22 16.08
CA PHE B 68 1.95 1.28 16.25
C PHE B 68 1.98 1.72 17.71
N LYS B 69 3.17 1.64 18.30
CA LYS B 69 3.38 2.02 19.68
C LYS B 69 3.37 3.54 19.75
N ILE B 70 2.55 4.10 20.64
CA ILE B 70 2.51 5.53 20.88
C ILE B 70 2.61 5.82 22.37
N SER B 71 3.07 7.02 22.69
CA SER B 71 3.40 7.41 24.05
C SER B 71 2.20 7.57 24.98
N MET B 72 1.02 7.80 24.40
CA MET B 72 -0.20 8.04 25.16
C MET B 72 -1.44 7.80 24.30
N PRO B 73 -2.60 7.50 24.93
CA PRO B 73 -3.82 7.24 24.15
C PRO B 73 -4.52 8.52 23.72
N ILE B 74 -3.74 9.57 23.42
CA ILE B 74 -4.24 10.89 23.12
C ILE B 74 -3.60 11.28 21.80
N MET B 75 -4.43 11.38 20.77
CA MET B 75 -3.99 11.58 19.40
C MET B 75 -4.69 12.78 18.84
N ILE B 76 -4.18 13.32 17.73
CA ILE B 76 -4.78 14.50 17.14
C ILE B 76 -5.82 14.07 16.10
N ALA B 77 -7.01 14.66 16.21
CA ALA B 77 -8.10 14.39 15.29
C ALA B 77 -7.89 15.23 14.03
N PRO B 78 -8.54 14.84 12.93
CA PRO B 78 -8.44 15.65 11.72
C PRO B 78 -9.35 16.87 11.78
N THR B 79 -8.81 18.04 11.42
CA THR B 79 -9.56 19.29 11.30
C THR B 79 -9.05 19.99 10.06
N ALA B 80 -9.97 20.51 9.26
CA ALA B 80 -9.62 21.18 8.02
C ALA B 80 -8.78 22.46 8.17
N MET B 81 -8.05 22.76 7.10
CA MET B 81 -7.49 24.09 6.80
C MET B 81 -6.81 24.79 7.96
N GLN B 82 -5.82 24.12 8.57
CA GLN B 82 -5.16 24.67 9.76
C GLN B 82 -4.28 25.90 9.50
N LYS B 83 -3.91 26.17 8.24
CA LYS B 83 -3.13 27.38 7.93
C LYS B 83 -3.91 28.69 8.05
N MET B 84 -5.23 28.62 8.25
CA MET B 84 -6.01 29.80 8.65
C MET B 84 -5.66 30.17 10.10
N ALA B 85 -5.53 29.15 10.94
CA ALA B 85 -5.25 29.35 12.37
C ALA B 85 -3.86 29.91 12.63
N HIS B 86 -2.87 29.42 11.89
CA HIS B 86 -1.48 29.80 12.07
C HIS B 86 -0.68 29.50 10.78
N PRO B 87 0.24 30.40 10.37
CA PRO B 87 0.97 30.22 9.09
C PRO B 87 1.59 28.84 8.85
N GLU B 88 2.24 28.28 9.88
CA GLU B 88 2.75 26.89 9.86
C GLU B 88 1.65 25.85 9.69
N GLY B 89 0.49 26.08 10.29
CA GLY B 89 -0.68 25.22 10.09
C GLY B 89 -0.41 23.79 10.49
N GLU B 90 -0.62 22.85 9.55
CA GLU B 90 -0.49 21.42 9.82
C GLU B 90 0.97 20.96 9.98
N TYR B 91 1.93 21.75 9.50
CA TYR B 91 3.35 21.49 9.73
C TYR B 91 3.62 21.48 11.24
N ALA B 92 3.12 22.50 11.94
CA ALA B 92 3.21 22.59 13.39
C ALA B 92 2.56 21.40 14.08
N THR B 93 1.37 21.01 13.62
CA THR B 93 0.66 19.87 14.19
C THR B 93 1.47 18.59 14.03
N ALA B 94 1.95 18.34 12.82
CA ALA B 94 2.77 17.16 12.53
C ALA B 94 3.99 17.11 13.45
N ARG B 95 4.74 18.21 13.47
CA ARG B 95 5.92 18.32 14.35
C ARG B 95 5.55 18.09 15.82
N ALA B 96 4.46 18.70 16.26
CA ALA B 96 4.00 18.57 17.64
C ALA B 96 3.61 17.13 17.98
N ALA B 97 2.91 16.48 17.06
CA ALA B 97 2.51 15.09 17.24
C ALA B 97 3.72 14.16 17.35
N SER B 98 4.72 14.38 16.50
CA SER B 98 5.95 13.59 16.49
C SER B 98 6.74 13.75 17.78
N ALA B 99 6.84 14.99 18.27
CA ALA B 99 7.54 15.30 19.51
C ALA B 99 6.83 14.70 20.73
N ALA B 100 5.51 14.70 20.70
CA ALA B 100 4.69 14.08 21.74
C ALA B 100 4.64 12.55 21.65
N GLY B 101 5.13 11.98 20.55
CA GLY B 101 5.18 10.53 20.38
C GLY B 101 3.81 9.92 20.21
N THR B 102 2.96 10.60 19.45
CA THR B 102 1.58 10.19 19.24
C THR B 102 1.20 10.30 17.77
N ILE B 103 0.00 9.81 17.45
CA ILE B 103 -0.54 9.86 16.11
C ILE B 103 -1.25 11.17 15.85
N MET B 104 -1.20 11.60 14.60
CA MET B 104 -1.95 12.76 14.11
C MET B 104 -2.77 12.30 12.91
N THR B 105 -4.02 12.70 12.85
CA THR B 105 -4.85 12.48 11.68
C THR B 105 -4.88 13.76 10.84
N LEU B 106 -4.38 13.69 9.61
CA LEU B 106 -4.42 14.85 8.71
C LEU B 106 -5.75 14.86 7.95
N SER B 107 -6.39 16.02 7.92
CA SER B 107 -7.64 16.20 7.19
C SER B 107 -7.42 16.17 5.67
N SER B 108 -8.28 15.42 4.98
CA SER B 108 -8.47 15.57 3.53
C SER B 108 -8.50 17.03 3.08
N TRP B 109 -9.16 17.88 3.88
CA TRP B 109 -9.23 19.34 3.65
C TRP B 109 -8.13 20.09 4.40
N ALA B 110 -6.97 19.49 4.58
CA ALA B 110 -5.84 20.21 5.19
C ALA B 110 -5.30 21.23 4.19
N THR B 111 -4.78 22.33 4.73
CA THR B 111 -3.98 23.31 3.97
C THR B 111 -2.52 22.89 3.77
N SER B 112 -2.20 21.64 4.10
CA SER B 112 -0.90 21.06 3.83
C SER B 112 -1.10 19.65 3.31
N SER B 113 -0.30 19.28 2.30
CA SER B 113 -0.38 17.95 1.73
C SER B 113 0.20 16.94 2.72
N VAL B 114 -0.21 15.69 2.56
CA VAL B 114 0.40 14.58 3.29
C VAL B 114 1.93 14.54 3.21
N GLU B 115 2.50 14.78 2.04
CA GLU B 115 3.98 14.77 1.88
C GLU B 115 4.63 15.98 2.54
N GLU B 116 3.97 17.14 2.46
CA GLU B 116 4.41 18.34 3.18
C GLU B 116 4.50 18.06 4.68
N VAL B 117 3.46 17.44 5.21
CA VAL B 117 3.41 16.99 6.60
C VAL B 117 4.48 15.93 6.90
N ALA B 118 4.68 14.98 5.99
CA ALA B 118 5.78 13.99 6.13
C ALA B 118 7.17 14.64 6.10
N SER B 119 7.31 15.72 5.32
CA SER B 119 8.57 16.49 5.26
C SER B 119 9.02 17.11 6.59
N THR B 120 8.10 17.28 7.54
CA THR B 120 8.45 17.80 8.86
C THR B 120 9.33 16.84 9.67
N GLY B 121 9.27 15.55 9.35
CA GLY B 121 10.07 14.52 10.02
C GLY B 121 9.27 13.24 10.20
N PRO B 122 9.82 12.26 10.93
CA PRO B 122 9.07 11.02 11.15
C PRO B 122 7.91 11.21 12.12
N GLY B 123 6.94 10.31 12.04
CA GLY B 123 5.77 10.33 12.93
C GLY B 123 4.66 9.46 12.39
N ILE B 124 3.89 8.83 13.29
CA ILE B 124 2.78 7.97 12.87
C ILE B 124 1.59 8.85 12.54
N ARG B 125 1.08 8.74 11.31
CA ARG B 125 0.05 9.65 10.83
C ARG B 125 -1.08 8.94 10.10
N PHE B 126 -2.30 9.32 10.43
CA PHE B 126 -3.48 8.79 9.80
C PHE B 126 -3.99 9.86 8.85
N PHE B 127 -4.77 9.45 7.87
CA PHE B 127 -5.31 10.37 6.89
C PHE B 127 -6.82 10.29 6.89
N GLN B 128 -7.45 11.41 7.22
CA GLN B 128 -8.89 11.52 7.16
C GLN B 128 -9.31 11.65 5.71
N LEU B 129 -10.42 11.01 5.38
CA LEU B 129 -10.93 10.96 4.02
C LEU B 129 -12.45 10.89 3.98
N TYR B 130 -12.98 11.28 2.84
CA TYR B 130 -14.33 10.93 2.43
C TYR B 130 -14.20 9.99 1.25
N VAL B 131 -15.17 9.09 1.08
CA VAL B 131 -15.30 8.38 -0.19
C VAL B 131 -16.00 9.38 -1.10
N TYR B 132 -15.19 10.26 -1.68
CA TYR B 132 -15.66 11.27 -2.62
C TYR B 132 -16.29 10.66 -3.87
N LYS B 133 -17.14 11.43 -4.53
CA LYS B 133 -17.87 10.98 -5.73
C LYS B 133 -16.91 10.41 -6.78
N ASP B 134 -15.77 11.09 -6.95
CA ASP B 134 -14.79 10.78 -7.97
C ASP B 134 -13.84 9.83 -7.27
N ARG B 135 -14.10 8.54 -7.47
CA ARG B 135 -13.39 7.48 -6.78
C ARG B 135 -11.90 7.41 -7.19
N ASN B 136 -11.60 7.94 -8.37
CA ASN B 136 -10.23 8.12 -8.83
C ASN B 136 -9.47 9.16 -8.00
N VAL B 137 -10.15 10.23 -7.59
CA VAL B 137 -9.54 11.22 -6.69
C VAL B 137 -9.27 10.60 -5.32
N VAL B 138 -10.25 9.84 -4.81
CA VAL B 138 -10.08 9.10 -3.55
C VAL B 138 -8.85 8.20 -3.63
N ALA B 139 -8.77 7.46 -4.75
CA ALA B 139 -7.65 6.57 -5.00
C ALA B 139 -6.31 7.31 -4.99
N GLN B 140 -6.25 8.45 -5.69
CA GLN B 140 -5.05 9.28 -5.73
C GLN B 140 -4.64 9.82 -4.36
N LEU B 141 -5.62 10.26 -3.57
CA LEU B 141 -5.38 10.75 -2.20
C LEU B 141 -4.76 9.65 -1.36
N VAL B 142 -5.44 8.50 -1.32
CA VAL B 142 -4.93 7.30 -0.65
C VAL B 142 -3.46 7.04 -1.00
N ARG B 143 -3.17 7.07 -2.30
CA ARG B 143 -1.82 6.80 -2.81
C ARG B 143 -0.83 7.82 -2.29
N ARG B 144 -1.22 9.09 -2.41
CA ARG B 144 -0.45 10.21 -1.90
C ARG B 144 -0.20 10.05 -0.40
N ALA B 145 -1.23 9.61 0.33
CA ALA B 145 -1.12 9.33 1.76
C ALA B 145 -0.17 8.16 2.04
N GLU B 146 -0.30 7.07 1.28
CA GLU B 146 0.65 5.94 1.39
C GLU B 146 2.09 6.34 1.07
N ARG B 147 2.27 7.06 -0.03
CA ARG B 147 3.60 7.57 -0.42
C ARG B 147 4.21 8.51 0.61
N ALA B 148 3.36 9.19 1.39
CA ALA B 148 3.82 10.05 2.49
C ALA B 148 4.08 9.30 3.80
N GLY B 149 3.96 7.98 3.80
CA GLY B 149 4.21 7.15 4.99
C GLY B 149 3.07 7.07 5.97
N PHE B 150 1.85 7.45 5.55
CA PHE B 150 0.69 7.44 6.45
C PHE B 150 0.22 5.99 6.66
N LYS B 151 -0.09 5.67 7.90
CA LYS B 151 -0.26 4.28 8.34
C LYS B 151 -1.70 3.78 8.45
N ALA B 152 -2.66 4.68 8.27
CA ALA B 152 -4.08 4.33 8.34
C ALA B 152 -4.95 5.41 7.70
N ILE B 153 -6.19 5.03 7.39
CA ILE B 153 -7.17 5.92 6.80
C ILE B 153 -8.32 6.09 7.79
N ALA B 154 -8.55 7.32 8.22
CA ALA B 154 -9.75 7.67 8.96
C ALA B 154 -10.82 8.04 7.95
N LEU B 155 -11.80 7.17 7.76
CA LEU B 155 -12.90 7.43 6.83
C LEU B 155 -14.08 8.03 7.57
N THR B 156 -14.51 9.20 7.11
CA THR B 156 -15.68 9.89 7.64
C THR B 156 -16.94 9.19 7.17
N VAL B 157 -17.63 8.51 8.10
CA VAL B 157 -18.86 7.78 7.77
C VAL B 157 -20.14 8.45 8.32
N ASP B 158 -20.06 9.72 8.71
CA ASP B 158 -21.22 10.44 9.26
C ASP B 158 -21.55 11.74 8.49
N THR B 159 -21.02 11.86 7.28
CA THR B 159 -21.14 13.07 6.50
C THR B 159 -21.46 12.75 5.04
N PRO B 160 -22.66 12.15 4.79
CA PRO B 160 -23.17 12.01 3.43
C PRO B 160 -23.46 13.39 2.85
N ARG B 161 -23.96 14.27 3.72
CA ARG B 161 -24.11 15.68 3.46
C ARG B 161 -23.48 16.43 4.60
N LEU B 162 -23.04 17.66 4.34
CA LEU B 162 -22.48 18.52 5.37
C LEU B 162 -23.56 19.03 6.31
N GLY B 163 -23.22 19.11 7.59
CA GLY B 163 -24.10 19.66 8.61
C GLY B 163 -24.16 21.17 8.46
N ARG B 164 -25.30 21.73 8.85
CA ARG B 164 -25.51 23.16 8.80
C ARG B 164 -24.86 23.82 10.01
N ARG B 165 -23.71 24.46 9.79
CA ARG B 165 -23.08 25.30 10.79
C ARG B 165 -23.40 26.74 10.40
N GLU B 166 -24.31 27.33 11.14
CA GLU B 166 -24.96 28.57 10.73
C GLU B 166 -24.04 29.77 10.79
N ALA B 167 -23.04 29.74 11.66
CA ALA B 167 -22.04 30.81 11.73
C ALA B 167 -21.35 31.05 10.39
N ASP B 168 -21.04 29.97 9.66
CA ASP B 168 -20.39 30.10 8.34
C ASP B 168 -21.24 30.75 7.28
N ILE B 169 -22.52 30.40 7.30
CA ILE B 169 -23.50 31.01 6.41
C ILE B 169 -23.58 32.49 6.74
N LYS B 170 -23.73 32.80 8.02
CA LYS B 170 -23.76 34.19 8.50
C LYS B 170 -22.50 34.97 8.18
N ASN B 171 -21.34 34.35 8.40
CA ASN B 171 -20.05 35.03 8.21
C ASN B 171 -19.60 35.08 6.76
N ARG B 172 -20.30 34.37 5.87
CA ARG B 172 -19.91 34.24 4.46
C ARG B 172 -18.49 33.71 4.41
N PHE B 173 -18.34 32.50 4.95
CA PHE B 173 -17.03 31.89 5.11
C PHE B 173 -16.38 31.61 3.77
N VAL B 174 -15.13 32.07 3.63
CA VAL B 174 -14.29 31.79 2.47
C VAL B 174 -12.89 31.47 2.97
N LEU B 175 -12.31 30.39 2.46
CA LEU B 175 -10.90 30.06 2.67
C LEU B 175 -10.05 31.26 2.23
N PRO B 176 -9.20 31.82 3.13
CA PRO B 176 -8.33 32.96 2.80
C PRO B 176 -7.42 32.78 1.57
N PRO B 177 -6.95 33.89 0.97
CA PRO B 177 -6.39 33.98 -0.39
C PRO B 177 -5.38 32.91 -0.84
N PHE B 178 -4.29 32.73 -0.10
CA PHE B 178 -3.15 31.92 -0.58
C PHE B 178 -3.11 30.50 -0.01
N LEU B 179 -4.26 30.02 0.45
CA LEU B 179 -4.38 28.69 1.03
C LEU B 179 -5.32 27.89 0.15
N THR B 180 -4.90 26.68 -0.21
CA THR B 180 -5.76 25.71 -0.88
C THR B 180 -5.77 24.41 -0.08
N LEU B 181 -6.64 23.50 -0.48
CA LEU B 181 -6.69 22.17 0.08
C LEU B 181 -5.60 21.36 -0.63
N LYS B 182 -4.40 21.39 -0.04
CA LYS B 182 -3.18 20.94 -0.70
C LYS B 182 -3.19 19.49 -1.20
N ASN B 183 -3.94 18.61 -0.52
CA ASN B 183 -4.04 17.21 -0.93
C ASN B 183 -4.70 16.98 -2.29
N PHE B 184 -5.51 17.95 -2.73
CA PHE B 184 -6.13 17.91 -4.06
C PHE B 184 -5.31 18.59 -5.15
N GLU B 185 -4.29 19.37 -4.76
CA GLU B 185 -3.46 20.11 -5.71
C GLU B 185 -2.56 19.17 -6.52
N GLY B 186 -2.49 19.41 -7.82
CA GLY B 186 -1.74 18.54 -8.73
C GLY B 186 -2.29 17.13 -8.93
N LEU B 187 -3.57 16.93 -8.63
CA LEU B 187 -4.22 15.64 -8.84
C LEU B 187 -5.12 15.71 -10.06
N ASP B 188 -5.38 14.54 -10.65
CA ASP B 188 -6.30 14.41 -11.76
C ASP B 188 -7.73 14.53 -11.23
N LEU B 189 -8.31 15.73 -11.36
CA LEU B 189 -9.65 16.03 -10.84
C LEU B 189 -10.79 15.90 -11.88
N GLY B 190 -10.44 15.59 -13.13
CA GLY B 190 -11.41 15.55 -14.23
C GLY B 190 -11.87 16.93 -14.65
N LYS B 191 -10.89 17.84 -14.78
CA LYS B 191 -11.15 19.26 -15.05
C LYS B 191 -11.57 19.48 -16.51
N ASP B 197 -9.53 28.31 -10.02
CA ASP B 197 -10.40 29.43 -10.37
C ASP B 197 -11.87 29.12 -10.10
N SER B 198 -12.30 27.90 -10.42
CA SER B 198 -13.67 27.43 -10.14
C SER B 198 -13.96 27.27 -8.64
N GLY B 199 -12.91 27.07 -7.83
CA GLY B 199 -13.03 26.97 -6.38
C GLY B 199 -12.80 25.53 -5.95
N LEU B 200 -11.67 25.30 -5.29
CA LEU B 200 -11.31 23.96 -4.82
C LEU B 200 -12.14 23.52 -3.59
N ALA B 201 -12.58 24.49 -2.79
CA ALA B 201 -13.48 24.22 -1.67
C ALA B 201 -14.85 23.81 -2.19
N SER B 202 -15.38 24.53 -3.18
CA SER B 202 -16.65 24.17 -3.83
C SER B 202 -16.57 22.82 -4.52
N TYR B 203 -15.43 22.54 -5.16
CA TYR B 203 -15.18 21.23 -5.75
C TYR B 203 -15.36 20.15 -4.70
N VAL B 204 -14.53 20.18 -3.64
CA VAL B 204 -14.56 19.14 -2.60
C VAL B 204 -15.93 19.05 -1.91
N ALA B 205 -16.59 20.20 -1.73
CA ALA B 205 -17.93 20.23 -1.13
C ALA B 205 -18.94 19.53 -2.03
N GLY B 206 -18.78 19.69 -3.35
CA GLY B 206 -19.55 18.96 -4.35
C GLY B 206 -19.04 17.56 -4.70
N GLN B 207 -17.94 17.15 -4.06
CA GLN B 207 -17.44 15.78 -4.14
C GLN B 207 -17.92 14.89 -3.00
N ILE B 208 -18.47 15.49 -1.96
CA ILE B 208 -19.01 14.73 -0.84
C ILE B 208 -20.22 13.95 -1.35
N ASP B 209 -20.15 12.63 -1.20
CA ASP B 209 -21.07 11.67 -1.80
C ASP B 209 -22.07 11.24 -0.74
N ARG B 210 -23.35 11.35 -1.09
CA ARG B 210 -24.45 11.02 -0.17
C ARG B 210 -25.03 9.63 -0.46
N THR B 211 -24.48 8.93 -1.47
CA THR B 211 -24.93 7.58 -1.82
C THR B 211 -24.20 6.49 -1.06
N LEU B 212 -23.21 6.85 -0.25
CA LEU B 212 -22.34 5.87 0.40
C LEU B 212 -23.15 4.89 1.23
N SER B 213 -22.97 3.61 0.94
CA SER B 213 -23.44 2.53 1.78
C SER B 213 -22.19 1.86 2.32
N TRP B 214 -22.35 0.72 2.98
CA TRP B 214 -21.22 -0.06 3.47
C TRP B 214 -20.39 -0.68 2.35
N LYS B 215 -21.02 -0.88 1.19
CA LYS B 215 -20.30 -1.29 -0.03
C LYS B 215 -19.11 -0.36 -0.33
N ASP B 216 -19.28 0.94 -0.05
CA ASP B 216 -18.23 1.93 -0.30
C ASP B 216 -17.10 1.86 0.71
N VAL B 217 -17.39 1.43 1.93
CA VAL B 217 -16.36 1.11 2.91
C VAL B 217 -15.60 -0.15 2.46
N GLN B 218 -16.34 -1.14 1.94
CA GLN B 218 -15.73 -2.36 1.39
C GLN B 218 -14.90 -2.04 0.16
N TRP B 219 -15.39 -1.09 -0.63
CA TRP B 219 -14.66 -0.56 -1.78
C TRP B 219 -13.36 0.13 -1.38
N LEU B 220 -13.39 0.92 -0.30
CA LEU B 220 -12.19 1.63 0.13
C LEU B 220 -11.04 0.67 0.39
N GLN B 221 -11.38 -0.52 0.88
CA GLN B 221 -10.39 -1.54 1.20
C GLN B 221 -9.84 -2.28 -0.02
N THR B 222 -10.46 -2.11 -1.19
CA THR B 222 -9.91 -2.61 -2.45
C THR B 222 -8.88 -1.64 -3.04
N ILE B 223 -8.90 -0.38 -2.61
CA ILE B 223 -7.94 0.61 -3.12
C ILE B 223 -6.81 0.93 -2.13
N THR B 224 -6.95 0.53 -0.87
CA THR B 224 -5.82 0.56 0.07
C THR B 224 -5.80 -0.69 0.94
N SER B 225 -4.59 -1.09 1.31
CA SER B 225 -4.37 -2.16 2.27
C SER B 225 -4.17 -1.59 3.67
N LEU B 226 -4.11 -0.25 3.79
CA LEU B 226 -4.00 0.41 5.08
C LEU B 226 -5.24 0.14 5.92
N PRO B 227 -5.09 0.01 7.26
CA PRO B 227 -6.25 -0.10 8.13
C PRO B 227 -7.20 1.08 7.96
N ILE B 228 -8.49 0.78 7.81
CA ILE B 228 -9.51 1.82 7.72
C ILE B 228 -10.10 2.03 9.11
N LEU B 229 -9.87 3.22 9.67
CA LEU B 229 -10.61 3.66 10.85
C LEU B 229 -11.90 4.27 10.36
N VAL B 230 -13.01 3.69 10.81
CA VAL B 230 -14.33 4.13 10.45
C VAL B 230 -14.72 5.20 11.48
N LYS B 231 -14.90 6.44 11.01
CA LYS B 231 -15.07 7.60 11.88
C LYS B 231 -16.46 8.17 11.73
N GLY B 232 -17.25 8.07 12.80
CA GLY B 232 -18.65 8.54 12.80
C GLY B 232 -19.68 7.50 13.22
N VAL B 233 -19.32 6.66 14.19
CA VAL B 233 -20.19 5.58 14.65
C VAL B 233 -20.65 5.85 16.07
N LEU B 234 -21.95 6.07 16.23
CA LEU B 234 -22.56 6.38 17.53
C LEU B 234 -23.50 5.30 18.05
N THR B 235 -23.88 4.37 17.18
CA THR B 235 -24.85 3.33 17.53
C THR B 235 -24.19 1.96 17.53
N ALA B 236 -24.76 1.06 18.33
CA ALA B 236 -24.34 -0.35 18.39
C ALA B 236 -24.60 -1.05 17.06
N GLU B 237 -25.70 -0.67 16.40
CA GLU B 237 -26.14 -1.30 15.17
C GLU B 237 -25.11 -1.13 14.06
N ASP B 238 -24.51 0.05 13.97
CA ASP B 238 -23.53 0.39 12.93
C ASP B 238 -22.10 0.01 13.30
N ALA B 239 -21.80 0.00 14.60
CA ALA B 239 -20.55 -0.56 15.09
C ALA B 239 -20.39 -2.01 14.62
N ARG B 240 -21.46 -2.80 14.78
CA ARG B 240 -21.49 -4.19 14.32
C ARG B 240 -21.26 -4.27 12.82
N LEU B 241 -21.92 -3.38 12.08
CA LEU B 241 -21.73 -3.29 10.63
C LEU B 241 -20.30 -2.89 10.26
N ALA B 242 -19.70 -1.98 11.02
CA ALA B 242 -18.31 -1.56 10.78
C ALA B 242 -17.32 -2.72 10.97
N VAL B 243 -17.58 -3.54 11.99
CA VAL B 243 -16.78 -4.75 12.22
C VAL B 243 -16.98 -5.73 11.08
N GLN B 244 -18.24 -5.97 10.72
CA GLN B 244 -18.59 -6.84 9.59
C GLN B 244 -18.05 -6.31 8.25
N ALA B 245 -18.02 -4.98 8.10
CA ALA B 245 -17.48 -4.35 6.89
C ALA B 245 -15.98 -4.49 6.78
N GLY B 246 -15.32 -4.81 7.89
CA GLY B 246 -13.89 -5.09 7.91
C GLY B 246 -13.03 -3.90 8.31
N ALA B 247 -13.63 -2.92 8.98
CA ALA B 247 -12.88 -1.75 9.44
C ALA B 247 -11.82 -2.18 10.47
N ALA B 248 -10.62 -1.63 10.35
CA ALA B 248 -9.57 -1.90 11.32
C ALA B 248 -9.86 -1.28 12.68
N GLY B 249 -10.71 -0.24 12.72
CA GLY B 249 -11.15 0.34 13.98
C GLY B 249 -12.35 1.26 13.81
N ILE B 250 -13.01 1.56 14.91
CA ILE B 250 -14.15 2.46 14.94
C ILE B 250 -13.76 3.71 15.71
N ILE B 251 -14.18 4.87 15.23
CA ILE B 251 -14.01 6.10 16.00
C ILE B 251 -15.41 6.56 16.34
N VAL B 252 -15.75 6.48 17.63
CA VAL B 252 -17.00 7.03 18.15
C VAL B 252 -16.83 8.53 18.10
N SER B 253 -17.39 9.12 17.05
CA SER B 253 -17.25 10.52 16.75
C SER B 253 -18.61 11.01 16.30
N ASN B 254 -18.95 12.24 16.68
CA ASN B 254 -20.08 12.94 16.09
C ASN B 254 -19.56 14.12 15.27
N HIS B 255 -18.40 13.92 14.63
CA HIS B 255 -17.77 14.90 13.75
C HIS B 255 -17.40 16.19 14.48
N GLY B 256 -17.24 16.15 15.81
CA GLY B 256 -17.09 17.37 16.59
C GLY B 256 -18.38 18.13 16.71
N ALA B 257 -19.49 17.38 16.78
CA ALA B 257 -20.84 17.91 16.93
C ALA B 257 -21.28 18.91 15.86
N ARG B 258 -20.70 18.79 14.66
CA ARG B 258 -20.92 19.75 13.58
C ARG B 258 -21.66 19.14 12.36
N GLN B 259 -22.14 17.91 12.52
CA GLN B 259 -22.95 17.25 11.50
C GLN B 259 -24.44 17.30 11.89
N LEU B 260 -24.97 16.27 12.54
CA LEU B 260 -26.36 16.25 12.99
C LEU B 260 -26.39 16.70 14.44
N ASP B 261 -27.21 17.69 14.75
CA ASP B 261 -27.37 18.16 16.13
C ASP B 261 -28.33 17.24 16.87
N TYR B 262 -28.24 17.24 18.20
CA TYR B 262 -29.02 16.34 19.09
C TYR B 262 -28.67 14.85 18.95
N VAL B 263 -27.63 14.56 18.18
CA VAL B 263 -26.87 13.33 18.28
C VAL B 263 -26.29 13.26 19.70
N PRO B 264 -26.15 12.05 20.28
CA PRO B 264 -25.57 11.98 21.62
C PRO B 264 -24.11 12.39 21.67
N SER B 265 -23.64 12.75 22.86
CA SER B 265 -22.22 12.91 23.08
C SER B 265 -21.54 11.59 22.80
N THR B 266 -20.31 11.67 22.36
CA THR B 266 -19.51 10.48 22.06
C THR B 266 -19.25 9.60 23.28
N ILE B 267 -19.40 10.15 24.48
CA ILE B 267 -19.03 9.47 25.72
C ILE B 267 -20.20 8.57 26.12
N MET B 268 -21.41 9.11 26.02
CA MET B 268 -22.63 8.31 26.13
C MET B 268 -22.66 7.22 25.06
N ALA B 269 -22.44 7.64 23.82
CA ALA B 269 -22.46 6.74 22.68
C ALA B 269 -21.31 5.71 22.69
N LEU B 270 -20.22 6.01 23.40
CA LEU B 270 -19.04 5.15 23.41
C LEU B 270 -19.30 3.73 23.85
N GLU B 271 -19.88 3.56 25.04
CA GLU B 271 -19.91 2.25 25.68
C GLU B 271 -20.71 1.26 24.84
N GLU B 272 -21.86 1.70 24.35
CA GLU B 272 -22.67 0.94 23.41
C GLU B 272 -21.84 0.41 22.24
N VAL B 273 -21.03 1.29 21.65
CA VAL B 273 -20.20 0.97 20.48
C VAL B 273 -19.07 0.01 20.86
N VAL B 274 -18.39 0.30 21.97
CA VAL B 274 -17.32 -0.57 22.46
C VAL B 274 -17.85 -1.97 22.70
N LYS B 275 -18.99 -2.08 23.38
CA LYS B 275 -19.62 -3.38 23.67
C LYS B 275 -20.06 -4.09 22.38
N ALA B 276 -20.68 -3.34 21.47
CA ALA B 276 -21.12 -3.86 20.18
C ALA B 276 -19.95 -4.36 19.29
N ALA B 277 -18.79 -3.72 19.41
CA ALA B 277 -17.57 -4.15 18.69
C ALA B 277 -16.95 -5.45 19.23
N GLN B 278 -17.36 -5.88 20.43
CA GLN B 278 -16.98 -7.17 21.01
C GLN B 278 -15.47 -7.38 21.17
N GLY B 279 -14.72 -6.28 21.32
CA GLY B 279 -13.26 -6.34 21.36
C GLY B 279 -12.59 -6.88 20.10
N ARG B 280 -13.32 -6.86 18.97
CA ARG B 280 -12.82 -7.37 17.70
C ARG B 280 -11.86 -6.36 17.10
N ILE B 281 -12.19 -5.08 17.23
CA ILE B 281 -11.37 -3.96 16.76
C ILE B 281 -11.36 -2.83 17.79
N PRO B 282 -10.31 -1.99 17.78
CA PRO B 282 -10.28 -0.90 18.75
C PRO B 282 -11.35 0.13 18.45
N VAL B 283 -11.91 0.72 19.51
CA VAL B 283 -12.88 1.78 19.41
C VAL B 283 -12.26 3.02 20.04
N PHE B 284 -12.21 4.09 19.26
CA PHE B 284 -11.64 5.36 19.72
C PHE B 284 -12.78 6.34 19.94
N LEU B 285 -12.46 7.45 20.62
CA LEU B 285 -13.43 8.51 20.87
C LEU B 285 -12.82 9.86 20.54
N ASP B 286 -13.68 10.79 20.15
CA ASP B 286 -13.29 12.20 20.14
C ASP B 286 -14.53 13.05 20.41
N GLY B 287 -14.37 14.36 20.46
CA GLY B 287 -15.51 15.25 20.68
C GLY B 287 -15.70 15.56 22.15
N GLY B 288 -15.19 16.72 22.55
CA GLY B 288 -15.32 17.21 23.92
C GLY B 288 -14.16 16.93 24.85
N VAL B 289 -13.14 16.21 24.38
CA VAL B 289 -12.00 15.90 25.24
C VAL B 289 -11.12 17.14 25.35
N ARG B 290 -11.14 17.73 26.54
CA ARG B 290 -10.31 18.88 26.89
C ARG B 290 -9.47 18.65 28.15
N ARG B 291 -9.73 17.57 28.88
CA ARG B 291 -9.13 17.31 30.18
C ARG B 291 -8.58 15.88 30.22
N GLY B 292 -7.45 15.72 30.88
CA GLY B 292 -6.95 14.37 31.19
C GLY B 292 -8.00 13.48 31.84
N THR B 293 -8.85 14.07 32.69
CA THR B 293 -9.96 13.34 33.28
C THR B 293 -10.95 12.83 32.23
N ASP B 294 -11.18 13.62 31.17
CA ASP B 294 -12.01 13.20 30.03
C ASP B 294 -11.40 11.99 29.34
N VAL B 295 -10.08 12.01 29.17
CA VAL B 295 -9.36 10.91 28.51
C VAL B 295 -9.58 9.62 29.30
N PHE B 296 -9.29 9.67 30.60
CA PHE B 296 -9.50 8.55 31.51
C PHE B 296 -10.91 7.97 31.38
N LYS B 297 -11.90 8.86 31.44
CA LYS B 297 -13.29 8.45 31.36
C LYS B 297 -13.54 7.64 30.10
N ALA B 298 -13.12 8.19 28.97
CA ALA B 298 -13.23 7.51 27.68
C ALA B 298 -12.60 6.12 27.76
N LEU B 299 -11.40 6.05 28.35
CA LEU B 299 -10.70 4.77 28.55
C LEU B 299 -11.41 3.85 29.53
N ALA B 300 -12.08 4.42 30.53
CA ALA B 300 -12.87 3.65 31.49
C ALA B 300 -14.14 3.08 30.86
N LEU B 301 -14.75 3.84 29.94
CA LEU B 301 -15.88 3.36 29.11
C LEU B 301 -15.46 2.43 27.95
N GLY B 302 -14.17 2.13 27.84
CA GLY B 302 -13.67 1.09 26.94
C GLY B 302 -13.06 1.57 25.63
N ALA B 303 -12.80 2.88 25.52
CA ALA B 303 -12.06 3.41 24.38
C ALA B 303 -10.62 3.00 24.51
N SER B 304 -10.00 2.64 23.40
CA SER B 304 -8.57 2.33 23.38
C SER B 304 -7.73 3.61 23.43
N GLY B 305 -8.30 4.72 22.96
CA GLY B 305 -7.67 6.02 23.04
C GLY B 305 -8.65 7.10 22.64
N ILE B 306 -8.19 8.34 22.59
CA ILE B 306 -9.06 9.42 22.11
C ILE B 306 -8.33 10.35 21.15
N PHE B 307 -9.10 11.02 20.29
CA PHE B 307 -8.56 12.09 19.48
C PHE B 307 -9.07 13.46 19.97
N ILE B 308 -8.27 14.49 19.71
CA ILE B 308 -8.65 15.88 19.98
C ILE B 308 -8.58 16.69 18.69
N GLY B 309 -9.63 17.46 18.40
CA GLY B 309 -9.67 18.26 17.18
C GLY B 309 -9.41 19.72 17.52
N ARG B 310 -10.48 20.42 17.87
CA ARG B 310 -10.44 21.86 18.10
C ARG B 310 -9.28 22.39 18.94
N PRO B 311 -8.95 21.72 20.07
CA PRO B 311 -7.81 22.18 20.87
C PRO B 311 -6.53 22.43 20.05
N VAL B 312 -6.27 21.54 19.10
CA VAL B 312 -5.10 21.64 18.23
C VAL B 312 -5.11 22.97 17.50
N VAL B 313 -6.19 23.24 16.76
CA VAL B 313 -6.29 24.47 15.96
C VAL B 313 -6.34 25.74 16.82
N PHE B 314 -6.99 25.65 17.98
CA PHE B 314 -7.10 26.80 18.89
C PHE B 314 -5.76 27.15 19.49
N SER B 315 -5.07 26.13 19.99
CA SER B 315 -3.74 26.31 20.57
C SER B 315 -2.72 26.69 19.51
N LEU B 316 -2.86 26.08 18.34
CA LEU B 316 -2.09 26.46 17.15
C LEU B 316 -2.26 27.95 16.84
N ALA B 317 -3.51 28.41 16.82
CA ALA B 317 -3.81 29.83 16.62
C ALA B 317 -3.18 30.69 17.70
N ALA B 318 -3.21 30.21 18.93
CA ALA B 318 -2.70 30.97 20.08
C ALA B 318 -1.17 31.11 20.06
N GLU B 319 -0.46 29.98 20.11
CA GLU B 319 1.00 29.96 20.27
C GLU B 319 1.75 29.16 19.20
N GLY B 320 1.11 28.90 18.06
CA GLY B 320 1.76 28.09 17.00
C GLY B 320 2.03 26.68 17.48
N GLU B 321 3.17 26.12 17.06
CA GLU B 321 3.57 24.77 17.48
C GLU B 321 3.63 24.66 19.00
N ALA B 322 4.17 25.69 19.67
CA ALA B 322 4.27 25.70 21.13
C ALA B 322 2.92 25.43 21.78
N GLY B 323 1.87 25.97 21.17
CA GLY B 323 0.50 25.78 21.64
C GLY B 323 0.01 24.35 21.56
N ILE B 324 0.26 23.69 20.44
CA ILE B 324 -0.19 22.29 20.26
C ILE B 324 0.60 21.40 21.20
N LYS B 325 1.92 21.60 21.20
CA LYS B 325 2.82 20.96 22.16
C LYS B 325 2.32 21.06 23.59
N LYS B 326 1.90 22.26 23.98
CA LYS B 326 1.41 22.51 25.34
C LYS B 326 0.10 21.78 25.61
N VAL B 327 -0.82 21.81 24.64
CA VAL B 327 -2.09 21.06 24.75
C VAL B 327 -1.85 19.56 24.92
N LEU B 328 -0.92 19.02 24.14
CA LEU B 328 -0.61 17.59 24.22
C LEU B 328 0.07 17.25 25.54
N GLN B 329 0.94 18.15 26.02
CA GLN B 329 1.62 17.98 27.30
C GLN B 329 0.64 18.10 28.46
N MET B 330 -0.18 19.14 28.42
CA MET B 330 -1.24 19.35 29.41
C MET B 330 -2.14 18.13 29.49
N LEU B 331 -2.65 17.66 28.35
CA LEU B 331 -3.48 16.46 28.33
C LEU B 331 -2.72 15.24 28.85
N ARG B 332 -1.43 15.14 28.50
CA ARG B 332 -0.59 14.05 29.00
C ARG B 332 -0.47 14.08 30.52
N ASP B 333 -0.04 15.22 31.04
CA ASP B 333 0.19 15.38 32.47
C ASP B 333 -1.11 15.25 33.27
N GLU B 334 -2.17 15.86 32.77
CA GLU B 334 -3.48 15.74 33.41
C GLU B 334 -3.97 14.31 33.45
N PHE B 335 -3.83 13.61 32.32
CA PHE B 335 -4.23 12.22 32.24
C PHE B 335 -3.37 11.35 33.15
N GLU B 336 -2.06 11.62 33.17
CA GLU B 336 -1.12 10.90 34.03
C GLU B 336 -1.51 11.04 35.48
N LEU B 337 -1.77 12.29 35.88
CA LEU B 337 -2.21 12.57 37.25
C LEU B 337 -3.54 11.91 37.56
N THR B 338 -4.46 11.93 36.60
CA THR B 338 -5.76 11.29 36.76
C THR B 338 -5.59 9.80 37.00
N MET B 339 -4.71 9.17 36.23
CA MET B 339 -4.37 7.76 36.42
C MET B 339 -3.79 7.52 37.80
N ALA B 340 -2.77 8.31 38.16
CA ALA B 340 -2.11 8.21 39.47
C ALA B 340 -3.10 8.33 40.62
N LEU B 341 -3.97 9.34 40.55
CA LEU B 341 -4.97 9.56 41.60
C LEU B 341 -6.12 8.55 41.55
N SER B 342 -6.34 7.93 40.39
CA SER B 342 -7.28 6.81 40.26
C SER B 342 -6.69 5.46 40.69
N GLY B 343 -5.36 5.36 40.74
CA GLY B 343 -4.67 4.13 41.14
C GLY B 343 -4.52 3.17 39.97
N CYS B 344 -4.16 3.72 38.81
CA CYS B 344 -3.96 2.97 37.58
C CYS B 344 -2.57 3.29 37.04
N ARG B 345 -1.73 2.27 36.91
CA ARG B 345 -0.35 2.44 36.44
C ARG B 345 -0.17 2.06 34.98
N SER B 346 -1.20 1.47 34.39
CA SER B 346 -1.24 1.23 32.95
C SER B 346 -2.67 1.48 32.47
N LEU B 347 -2.87 1.44 31.15
CA LEU B 347 -4.20 1.61 30.58
C LEU B 347 -5.07 0.37 30.84
N ASN B 348 -4.45 -0.81 30.94
CA ASN B 348 -5.17 -2.05 31.28
C ASN B 348 -5.78 -1.98 32.68
N GLU B 349 -5.16 -1.21 33.58
CA GLU B 349 -5.70 -0.95 34.92
C GLU B 349 -6.81 0.11 34.98
N ILE B 350 -7.03 0.85 33.90
CA ILE B 350 -8.19 1.76 33.83
C ILE B 350 -9.41 0.92 33.52
N THR B 351 -10.20 0.64 34.56
CA THR B 351 -11.36 -0.22 34.45
C THR B 351 -12.66 0.57 34.44
N ARG B 352 -13.77 -0.15 34.22
CA ARG B 352 -15.10 0.41 34.30
C ARG B 352 -15.45 0.86 35.72
N ASN B 353 -15.03 0.08 36.72
CA ASN B 353 -15.28 0.41 38.14
C ASN B 353 -14.61 1.70 38.62
N HIS B 354 -13.61 2.19 37.90
CA HIS B 354 -12.99 3.48 38.20
C HIS B 354 -13.85 4.70 37.89
N ILE B 355 -15.02 4.50 37.28
CA ILE B 355 -15.97 5.59 37.07
C ILE B 355 -17.40 5.17 37.40
N VAL B 356 -18.27 6.17 37.51
CA VAL B 356 -19.71 6.00 37.62
C VAL B 356 -20.32 7.08 36.75
N THR B 357 -21.33 6.74 35.97
CA THR B 357 -22.01 7.70 35.09
C THR B 357 -23.46 7.85 35.53
N GLU B 358 -24.08 8.96 35.14
CA GLU B 358 -25.51 9.18 35.41
C GLU B 358 -26.41 8.11 34.82
N TRP B 359 -26.05 7.60 33.64
CA TRP B 359 -26.86 6.59 32.95
C TRP B 359 -26.82 5.20 33.64
N ASP B 360 -25.83 4.97 34.50
CA ASP B 360 -25.82 3.78 35.35
C ASP B 360 -27.03 3.79 36.28
N1 FMN C . 4.10 -13.28 -19.04
C2 FMN C . 3.17 -12.37 -18.73
O2 FMN C . 3.53 -11.18 -18.79
N3 FMN C . 1.91 -12.68 -18.38
C4 FMN C . 1.48 -13.96 -18.30
O4 FMN C . 0.30 -14.23 -17.96
C4A FMN C . 2.46 -15.03 -18.62
N5 FMN C . 2.14 -16.35 -18.59
C5A FMN C . 3.05 -17.28 -18.90
C6 FMN C . 2.68 -18.62 -18.84
C7 FMN C . 3.61 -19.61 -19.14
C7M FMN C . 3.18 -21.03 -19.06
C8 FMN C . 4.99 -19.25 -19.54
C8M FMN C . 6.02 -20.30 -19.88
C9 FMN C . 5.36 -17.93 -19.59
C9A FMN C . 4.46 -16.91 -19.28
N10 FMN C . 4.82 -15.55 -19.34
C10 FMN C . 3.83 -14.60 -19.01
C1' FMN C . 6.16 -15.10 -19.73
C2' FMN C . 7.11 -15.25 -18.56
O2' FMN C . 6.71 -14.37 -17.51
C3' FMN C . 8.55 -14.92 -18.94
O3' FMN C . 8.57 -13.66 -19.63
C4' FMN C . 9.17 -16.00 -19.83
O4' FMN C . 8.84 -17.30 -19.34
C5' FMN C . 10.67 -15.82 -19.87
O5' FMN C . 11.21 -16.63 -20.89
P FMN C . 11.85 -18.08 -20.58
O1P FMN C . 12.62 -17.91 -19.31
O2P FMN C . 12.74 -18.35 -21.77
O3P FMN C . 10.65 -18.99 -20.45
N1 FMN D . -14.30 15.05 10.85
C2 FMN D . -14.41 14.33 9.71
O2 FMN D . -14.66 13.12 9.84
N3 FMN D . -14.27 14.88 8.49
C4 FMN D . -14.01 16.19 8.31
O4 FMN D . -13.88 16.66 7.15
C4A FMN D . -13.86 17.05 9.51
N5 FMN D . -13.62 18.38 9.43
C5A FMN D . -13.50 19.12 10.56
C6 FMN D . -13.24 20.48 10.43
C7 FMN D . -13.10 21.27 11.57
C7M FMN D . -12.82 22.72 11.38
C8 FMN D . -13.26 20.68 12.92
C8M FMN D . -13.13 21.51 14.17
C9 FMN D . -13.53 19.33 13.04
C9A FMN D . -13.65 18.51 11.92
N10 FMN D . -13.92 17.11 12.02
C10 FMN D . -14.04 16.38 10.83
C1' FMN D . -14.12 16.42 13.30
C2' FMN D . -12.83 16.00 13.97
O2' FMN D . -12.20 15.04 13.15
C3' FMN D . -13.08 15.41 15.35
O3' FMN D . -14.02 14.33 15.22
C4' FMN D . -13.62 16.46 16.32
O4' FMN D . -13.18 17.78 16.04
C5' FMN D . -13.24 16.14 17.76
O5' FMN D . -13.94 17.06 18.60
P FMN D . -13.25 18.25 19.42
O1P FMN D . -12.03 17.63 20.06
O2P FMN D . -14.29 18.64 20.43
O3P FMN D . -12.94 19.31 18.39
#